data_5U7S
#
_entry.id   5U7S
#
_cell.length_a   134.110
_cell.length_b   83.120
_cell.length_c   99.390
_cell.angle_alpha   90.000
_cell.angle_beta   131.980
_cell.angle_gamma   90.000
#
_symmetry.space_group_name_H-M   'C 1 2 1'
#
loop_
_entity.id
_entity.type
_entity.pdbx_description
1 polymer 'Fructose-1,6-bisphosphate aldolase'
2 non-polymer 'CITRIC ACID'
3 non-polymer 'SODIUM ION'
4 non-polymer 'FORMIC ACID'
5 water water
#
_entity_poly.entity_id   1
_entity_poly.type   'polypeptide(L)'
_entity_poly.pdbx_seq_one_letter_code
;MAHHHHHHMALISMRQLLDHAAEHNYGVPAFNVNNLEQMRAIMLAADATNSPVIVQASAGARKYAGAPFLRHLILAAIEE
WPHIPVVMHQDHGTSPDVCQRSIQLGFSSVMMDGSLGADGKTPTTYDYNVDVTRQVVAMAHACGVSVEGEIGCLGSLETG
MAGEEDGVGAEGVLDHSQLLTSVEEAKQFVADTNVDALAIAVGTSHGAYKFTRPPTGDILAIDRIKEIHAALPNTHLVMH
GSSSVPQEWLKVINEFGGNIGETYGVPVEQLVEAIKHGVRKINIDTDLRLASTGAIRRFMAENPAEFDPRKYFAKTVDSM
KQICIDRYEAFGTAGNADKIRPISLEKMVDRYK
;
_entity_poly.pdbx_strand_id   A,B
#
loop_
_chem_comp.id
_chem_comp.type
_chem_comp.name
_chem_comp.formula
CIT non-polymer 'CITRIC ACID' 'C6 H8 O7'
FMT non-polymer 'FORMIC ACID' 'C H2 O2'
NA non-polymer 'SODIUM ION' 'Na 1'
#
# COMPACT_ATOMS: atom_id res chain seq x y z
N HIS A 6 -2.32 -2.50 -18.44
CA HIS A 6 -2.10 -1.73 -19.67
C HIS A 6 -1.81 -0.26 -19.36
N HIS A 7 -0.64 0.02 -18.77
CA HIS A 7 -0.23 1.38 -18.44
C HIS A 7 1.29 1.47 -18.59
N HIS A 8 1.77 2.65 -18.97
CA HIS A 8 3.19 2.85 -19.25
C HIS A 8 3.87 3.68 -18.17
N MET A 9 4.98 3.14 -17.64
CA MET A 9 5.84 3.77 -16.65
C MET A 9 7.04 4.45 -17.31
N ALA A 10 7.41 5.64 -16.82
CA ALA A 10 8.59 6.37 -17.30
C ALA A 10 9.77 6.08 -16.36
N LEU A 11 10.32 4.89 -16.52
CA LEU A 11 11.47 4.41 -15.78
C LEU A 11 12.76 4.77 -16.53
N ILE A 12 13.86 4.85 -15.77
CA ILE A 12 15.17 4.91 -16.37
C ILE A 12 15.80 3.54 -16.22
N SER A 13 16.75 3.24 -17.11
CA SER A 13 17.43 1.96 -17.04
C SER A 13 18.38 1.95 -15.86
N MET A 14 18.68 0.76 -15.37
CA MET A 14 19.69 0.63 -14.31
C MET A 14 21.07 1.00 -14.83
N ARG A 15 21.40 0.58 -16.05
CA ARG A 15 22.70 0.88 -16.61
C ARG A 15 22.96 2.38 -16.59
N GLN A 16 22.00 3.18 -17.05
CA GLN A 16 22.17 4.62 -16.98
C GLN A 16 22.44 5.08 -15.56
N LEU A 17 21.67 4.56 -14.60
CA LEU A 17 21.78 5.09 -13.25
C LEU A 17 23.13 4.77 -12.64
N LEU A 18 23.61 3.55 -12.85
CA LEU A 18 24.88 3.14 -12.24
C LEU A 18 26.08 3.75 -12.99
N ASP A 19 25.95 4.02 -14.28
CA ASP A 19 26.99 4.79 -14.96
C ASP A 19 27.17 6.14 -14.30
N HIS A 20 26.06 6.75 -13.89
CA HIS A 20 26.13 8.06 -13.25
C HIS A 20 26.77 7.96 -11.89
N ALA A 21 26.36 6.96 -11.10
CA ALA A 21 27.00 6.66 -9.83
C ALA A 21 28.52 6.50 -9.99
N ALA A 22 28.97 5.80 -11.03
CA ALA A 22 30.42 5.67 -11.23
C ALA A 22 31.03 7.01 -11.57
N GLU A 23 30.44 7.71 -12.54
CA GLU A 23 31.02 8.97 -12.98
C GLU A 23 31.13 9.96 -11.83
N HIS A 24 30.22 9.92 -10.86
CA HIS A 24 30.20 10.84 -9.73
C HIS A 24 30.50 10.19 -8.38
N ASN A 25 31.06 8.99 -8.36
CA ASN A 25 31.59 8.32 -7.15
C ASN A 25 30.56 8.19 -6.03
N TYR A 26 29.43 7.58 -6.35
CA TYR A 26 28.43 7.31 -5.31
C TYR A 26 27.78 5.96 -5.52
N GLY A 27 26.98 5.56 -4.54
CA GLY A 27 26.23 4.34 -4.64
C GLY A 27 24.76 4.59 -4.40
N VAL A 28 23.94 3.61 -4.78
CA VAL A 28 22.49 3.72 -4.70
C VAL A 28 21.95 2.57 -3.86
N PRO A 29 21.28 2.85 -2.75
CA PRO A 29 20.61 1.77 -2.01
C PRO A 29 19.34 1.34 -2.74
N ALA A 30 19.10 0.03 -2.76
CA ALA A 30 17.95 -0.54 -3.45
C ALA A 30 16.96 -1.04 -2.40
N PHE A 31 15.76 -0.48 -2.43
CA PHE A 31 14.73 -0.80 -1.46
C PHE A 31 13.65 -1.60 -2.15
N ASN A 32 12.94 -2.40 -1.37
CA ASN A 32 11.85 -3.18 -1.91
C ASN A 32 10.57 -2.36 -1.85
N VAL A 33 9.75 -2.49 -2.89
CA VAL A 33 8.38 -1.97 -2.83
C VAL A 33 7.59 -3.00 -2.08
N ASN A 34 6.83 -2.57 -1.10
CA ASN A 34 6.10 -3.61 -0.40
C ASN A 34 4.63 -3.23 -0.33
N ASN A 35 4.36 -1.99 0.06
CA ASN A 35 2.99 -1.56 0.15
C ASN A 35 3.00 -0.03 0.06
N LEU A 36 1.86 0.59 0.33
CA LEU A 36 1.80 2.03 0.14
C LEU A 36 2.73 2.74 1.11
N GLU A 37 2.72 2.32 2.38
CA GLU A 37 3.53 3.00 3.39
C GLU A 37 5.01 2.90 3.08
N GLN A 38 5.45 1.73 2.65
CA GLN A 38 6.86 1.57 2.32
C GLN A 38 7.19 2.37 1.08
N MET A 39 6.33 2.30 0.07
CA MET A 39 6.60 3.03 -1.17
C MET A 39 6.72 4.52 -0.91
N ARG A 40 5.84 5.07 -0.07
CA ARG A 40 5.90 6.50 0.25
C ARG A 40 7.21 6.85 0.96
N ALA A 41 7.69 5.98 1.86
CA ALA A 41 8.90 6.30 2.62
C ALA A 41 10.09 6.50 1.69
N ILE A 42 10.29 5.56 0.77
CA ILE A 42 11.37 5.65 -0.21
C ILE A 42 11.27 6.95 -0.99
N MET A 43 10.11 7.19 -1.62
CA MET A 43 9.96 8.34 -2.48
C MET A 43 10.10 9.64 -1.69
N LEU A 44 9.49 9.72 -0.51
CA LEU A 44 9.66 10.91 0.31
C LEU A 44 11.12 11.12 0.69
N ALA A 45 11.83 10.05 1.02
CA ALA A 45 13.24 10.19 1.36
C ALA A 45 14.05 10.60 0.14
N ALA A 46 13.78 9.96 -1.00
CA ALA A 46 14.44 10.39 -2.22
C ALA A 46 14.06 11.82 -2.59
N ASP A 47 12.84 12.26 -2.27
CA ASP A 47 12.45 13.65 -2.56
C ASP A 47 13.26 14.61 -1.70
N ALA A 48 13.33 14.33 -0.39
CA ALA A 48 14.02 15.21 0.55
C ALA A 48 15.52 15.31 0.25
N THR A 49 16.11 14.26 -0.29
CA THR A 49 17.54 14.19 -0.58
C THR A 49 17.88 14.40 -2.04
N ASN A 50 16.88 14.54 -2.90
CA ASN A 50 17.08 14.65 -4.34
C ASN A 50 18.00 13.55 -4.84
N SER A 51 17.53 12.31 -4.64
CA SER A 51 18.28 11.14 -5.05
C SER A 51 17.48 10.39 -6.12
N PRO A 52 18.16 9.77 -7.07
CA PRO A 52 17.48 8.80 -7.92
C PRO A 52 17.18 7.54 -7.10
N VAL A 53 16.28 6.72 -7.62
CA VAL A 53 15.66 5.63 -6.86
C VAL A 53 15.88 4.31 -7.59
N ILE A 54 16.22 3.27 -6.83
CA ILE A 54 16.00 1.87 -7.23
C ILE A 54 14.93 1.27 -6.32
N VAL A 55 13.87 0.74 -6.92
CA VAL A 55 12.83 -0.04 -6.24
C VAL A 55 12.80 -1.43 -6.86
N GLN A 56 12.70 -2.45 -6.02
CA GLN A 56 12.75 -3.83 -6.45
C GLN A 56 11.46 -4.56 -6.15
N ALA A 57 11.19 -5.58 -6.95
CA ALA A 57 10.10 -6.52 -6.74
C ALA A 57 10.70 -7.91 -6.79
N SER A 58 10.44 -8.73 -5.78
CA SER A 58 10.96 -10.08 -5.86
C SER A 58 10.15 -10.86 -6.88
N ALA A 59 10.84 -11.67 -7.68
CA ALA A 59 10.17 -12.51 -8.65
C ALA A 59 9.22 -13.47 -7.91
N GLY A 66 -1.09 -8.28 -5.18
CA GLY A 66 -1.04 -8.91 -6.49
C GLY A 66 -0.11 -8.20 -7.44
N ALA A 67 0.19 -8.83 -8.57
CA ALA A 67 1.02 -8.18 -9.57
C ALA A 67 0.47 -6.83 -10.00
N PRO A 68 -0.84 -6.63 -10.20
CA PRO A 68 -1.30 -5.29 -10.55
C PRO A 68 -0.95 -4.24 -9.52
N PHE A 69 -0.87 -4.59 -8.24
CA PHE A 69 -0.66 -3.57 -7.22
C PHE A 69 0.78 -3.04 -7.25
N LEU A 70 1.77 -3.90 -7.45
CA LEU A 70 3.13 -3.39 -7.50
C LEU A 70 3.31 -2.45 -8.69
N ARG A 71 2.73 -2.80 -9.84
CA ARG A 71 2.80 -1.90 -10.99
C ARG A 71 2.13 -0.57 -10.67
N HIS A 72 1.00 -0.61 -9.97
CA HIS A 72 0.26 0.62 -9.72
C HIS A 72 0.84 1.46 -8.59
N LEU A 73 1.54 0.84 -7.63
CA LEU A 73 2.21 1.64 -6.61
C LEU A 73 3.32 2.46 -7.25
N ILE A 74 4.05 1.87 -8.18
CA ILE A 74 5.13 2.55 -8.88
C ILE A 74 4.56 3.65 -9.79
N LEU A 75 3.51 3.34 -10.54
CA LEU A 75 2.93 4.38 -11.39
C LEU A 75 2.48 5.58 -10.55
N ALA A 76 1.84 5.33 -9.41
CA ALA A 76 1.45 6.42 -8.53
C ALA A 76 2.66 7.22 -8.07
N ALA A 77 3.75 6.51 -7.72
CA ALA A 77 4.96 7.14 -7.26
C ALA A 77 5.53 8.10 -8.30
N ILE A 78 5.59 7.65 -9.55
CA ILE A 78 6.12 8.47 -10.65
C ILE A 78 5.26 9.72 -10.86
N GLU A 79 3.93 9.58 -10.73
CA GLU A 79 3.04 10.74 -10.85
C GLU A 79 3.30 11.75 -9.75
N GLU A 80 3.44 11.30 -8.51
CA GLU A 80 3.54 12.25 -7.40
C GLU A 80 4.93 12.90 -7.35
N TRP A 81 5.95 12.23 -7.87
CA TRP A 81 7.31 12.75 -7.95
C TRP A 81 7.84 12.53 -9.36
N PRO A 82 7.35 13.28 -10.35
CA PRO A 82 7.81 13.06 -11.72
C PRO A 82 9.25 13.47 -11.95
N HIS A 83 9.83 14.22 -11.03
CA HIS A 83 11.21 14.71 -11.14
C HIS A 83 12.23 13.76 -10.55
N ILE A 84 11.81 12.64 -9.97
CA ILE A 84 12.72 11.66 -9.38
C ILE A 84 12.89 10.54 -10.39
N PRO A 85 14.08 10.29 -10.92
CA PRO A 85 14.27 9.12 -11.78
C PRO A 85 14.11 7.85 -10.96
N VAL A 86 13.48 6.84 -11.56
CA VAL A 86 13.10 5.59 -10.92
C VAL A 86 13.48 4.43 -11.82
N VAL A 87 14.32 3.53 -11.29
CA VAL A 87 14.58 2.20 -11.86
C VAL A 87 13.66 1.20 -11.18
N MET A 88 12.89 0.43 -11.99
CA MET A 88 12.10 -0.71 -11.46
C MET A 88 12.85 -2.00 -11.81
N HIS A 89 13.39 -2.67 -10.79
CA HIS A 89 14.31 -3.78 -10.97
C HIS A 89 13.69 -5.09 -10.50
N GLN A 90 13.75 -6.15 -11.32
CA GLN A 90 13.26 -7.47 -10.88
C GLN A 90 14.37 -8.26 -10.17
N ASP A 91 14.26 -8.42 -8.85
CA ASP A 91 15.26 -9.10 -8.04
C ASP A 91 15.07 -10.62 -8.06
N HIS A 92 16.20 -11.33 -7.97
CA HIS A 92 16.27 -12.79 -7.79
C HIS A 92 15.41 -13.56 -8.79
N GLY A 93 15.72 -13.33 -10.07
CA GLY A 93 15.08 -14.11 -11.13
C GLY A 93 15.65 -15.50 -11.20
N THR A 94 14.79 -16.50 -11.27
CA THR A 94 15.28 -17.88 -11.19
C THR A 94 15.46 -18.55 -12.54
N SER A 95 15.07 -17.93 -13.64
CA SER A 95 15.23 -18.56 -14.94
C SER A 95 15.10 -17.49 -16.01
N PRO A 96 15.62 -17.73 -17.21
CA PRO A 96 15.38 -16.78 -18.32
C PRO A 96 13.91 -16.48 -18.55
N ASP A 97 13.05 -17.49 -18.47
CA ASP A 97 11.63 -17.26 -18.77
C ASP A 97 11.00 -16.32 -17.76
N VAL A 98 11.41 -16.43 -16.48
CA VAL A 98 10.95 -15.46 -15.50
C VAL A 98 11.38 -14.06 -15.90
N CYS A 99 12.67 -13.90 -16.23
CA CYS A 99 13.16 -12.57 -16.57
C CYS A 99 12.45 -12.00 -17.80
N GLN A 100 12.16 -12.85 -18.78
CA GLN A 100 11.49 -12.39 -19.99
C GLN A 100 10.07 -11.92 -19.68
N ARG A 101 9.38 -12.58 -18.75
CA ARG A 101 8.07 -12.09 -18.34
C ARG A 101 8.17 -10.75 -17.63
N SER A 102 9.21 -10.57 -16.81
CA SER A 102 9.43 -9.26 -16.20
C SER A 102 9.65 -8.19 -17.26
N ILE A 103 10.42 -8.51 -18.31
CA ILE A 103 10.63 -7.55 -19.38
C ILE A 103 9.30 -7.17 -20.01
N GLN A 104 8.44 -8.17 -20.26
CA GLN A 104 7.12 -7.90 -20.83
C GLN A 104 6.28 -7.03 -19.90
N LEU A 105 6.35 -7.28 -18.58
CA LEU A 105 5.65 -6.44 -17.61
C LEU A 105 6.16 -5.01 -17.54
N GLY A 106 7.36 -4.74 -18.03
CA GLY A 106 7.80 -3.37 -18.11
C GLY A 106 8.94 -2.99 -17.21
N PHE A 107 9.58 -3.96 -16.56
CA PHE A 107 10.79 -3.68 -15.79
C PHE A 107 11.85 -3.08 -16.69
N SER A 108 12.63 -2.17 -16.13
CA SER A 108 13.76 -1.59 -16.82
C SER A 108 15.07 -2.22 -16.37
N SER A 109 15.01 -3.26 -15.53
CA SER A 109 16.20 -3.95 -15.03
C SER A 109 15.79 -5.31 -14.44
N VAL A 110 16.56 -6.34 -14.76
CA VAL A 110 16.29 -7.67 -14.21
C VAL A 110 17.58 -8.27 -13.65
N MET A 111 17.44 -9.08 -12.61
CA MET A 111 18.55 -9.88 -12.13
C MET A 111 18.30 -11.31 -12.57
N MET A 112 19.22 -11.88 -13.34
CA MET A 112 19.22 -13.32 -13.59
C MET A 112 20.23 -13.90 -12.60
N ASP A 113 19.71 -14.35 -11.46
CA ASP A 113 20.55 -14.94 -10.40
C ASP A 113 20.96 -16.34 -10.83
N GLY A 114 22.07 -16.41 -11.56
CA GLY A 114 22.60 -17.67 -12.04
C GLY A 114 23.40 -18.45 -11.02
N SER A 115 23.68 -17.91 -9.84
CA SER A 115 24.40 -18.68 -8.82
C SER A 115 23.50 -19.76 -8.24
N LEU A 116 22.19 -19.56 -8.27
CA LEU A 116 21.24 -20.56 -7.80
C LEU A 116 20.42 -21.06 -8.97
N GLY A 117 19.97 -22.32 -8.90
CA GLY A 117 19.21 -22.90 -9.98
C GLY A 117 17.78 -22.38 -10.05
N ALA A 118 17.01 -22.97 -10.99
CA ALA A 118 15.61 -22.59 -11.18
C ALA A 118 14.78 -22.82 -9.92
N ASP A 119 15.17 -23.80 -9.13
CA ASP A 119 14.59 -24.01 -7.81
C ASP A 119 14.90 -22.88 -6.84
N GLY A 120 15.88 -22.02 -7.16
CA GLY A 120 16.22 -20.91 -6.31
C GLY A 120 17.03 -21.25 -5.08
N LYS A 121 17.52 -22.49 -4.94
CA LYS A 121 18.28 -22.83 -3.74
C LYS A 121 19.58 -23.56 -4.05
N THR A 122 19.62 -24.39 -5.10
CA THR A 122 20.77 -25.24 -5.37
C THR A 122 21.86 -24.46 -6.10
N PRO A 123 23.07 -24.35 -5.54
CA PRO A 123 24.15 -23.65 -6.25
C PRO A 123 24.51 -24.35 -7.56
N THR A 124 25.16 -23.61 -8.46
CA THR A 124 25.23 -23.97 -9.86
C THR A 124 26.65 -24.13 -10.39
N THR A 125 26.76 -24.81 -11.52
CA THR A 125 27.99 -24.79 -12.29
C THR A 125 28.25 -23.42 -12.92
N TYR A 126 29.54 -23.08 -13.07
CA TYR A 126 29.92 -21.89 -13.82
C TYR A 126 29.29 -21.90 -15.21
N ASP A 127 29.33 -23.04 -15.88
CA ASP A 127 28.79 -23.16 -17.23
C ASP A 127 27.30 -22.83 -17.25
N TYR A 128 26.53 -23.41 -16.33
CA TYR A 128 25.11 -23.10 -16.24
C TYR A 128 24.89 -21.62 -16.01
N ASN A 129 25.68 -21.02 -15.11
CA ASN A 129 25.50 -19.63 -14.77
C ASN A 129 25.65 -18.75 -16.00
N VAL A 130 26.72 -18.97 -16.77
CA VAL A 130 26.96 -18.18 -17.98
C VAL A 130 25.84 -18.36 -19.00
N ASP A 131 25.31 -19.59 -19.10
CA ASP A 131 24.30 -19.87 -20.12
C ASP A 131 23.00 -19.12 -19.84
N VAL A 132 22.47 -19.26 -18.61
CA VAL A 132 21.23 -18.57 -18.31
C VAL A 132 21.44 -17.06 -18.30
N THR A 133 22.62 -16.59 -17.91
CA THR A 133 22.87 -15.16 -17.83
C THR A 133 23.01 -14.55 -19.22
N ARG A 134 23.73 -15.24 -20.12
CA ARG A 134 23.80 -14.80 -21.51
C ARG A 134 22.41 -14.71 -22.13
N GLN A 135 21.58 -15.74 -21.93
CA GLN A 135 20.21 -15.72 -22.44
C GLN A 135 19.48 -14.44 -22.06
N VAL A 136 19.59 -14.03 -20.79
CA VAL A 136 18.82 -12.87 -20.34
C VAL A 136 19.46 -11.58 -20.85
N VAL A 137 20.79 -11.50 -20.84
CA VAL A 137 21.46 -10.34 -21.43
C VAL A 137 21.03 -10.13 -22.87
N ALA A 138 20.92 -11.22 -23.63
CA ALA A 138 20.57 -11.11 -25.05
C ALA A 138 19.18 -10.51 -25.21
N MET A 139 18.19 -11.06 -24.51
CA MET A 139 16.84 -10.54 -24.72
C MET A 139 16.63 -9.18 -24.06
N ALA A 140 17.36 -8.87 -22.98
CA ALA A 140 17.14 -7.60 -22.30
C ALA A 140 17.81 -6.45 -23.06
N HIS A 141 19.06 -6.64 -23.47
CA HIS A 141 19.76 -5.59 -24.21
C HIS A 141 19.12 -5.35 -25.57
N ALA A 142 18.34 -6.30 -26.07
CA ALA A 142 17.49 -5.98 -27.21
C ALA A 142 16.51 -4.87 -26.87
N CYS A 143 16.13 -4.72 -25.58
CA CYS A 143 15.14 -3.75 -25.10
C CYS A 143 15.72 -2.52 -24.44
N GLY A 144 17.02 -2.45 -24.23
CA GLY A 144 17.55 -1.43 -23.35
C GLY A 144 17.48 -1.78 -21.87
N VAL A 145 16.90 -2.92 -21.50
CA VAL A 145 16.77 -3.30 -20.09
C VAL A 145 18.12 -3.76 -19.55
N SER A 146 18.39 -3.44 -18.30
CA SER A 146 19.64 -3.79 -17.65
C SER A 146 19.56 -5.20 -17.07
N VAL A 147 20.73 -5.83 -16.89
CA VAL A 147 20.82 -7.18 -16.34
C VAL A 147 21.87 -7.20 -15.23
N GLU A 148 21.46 -7.64 -14.07
CA GLU A 148 22.35 -7.90 -12.94
C GLU A 148 22.53 -9.41 -12.81
N GLY A 149 23.78 -9.86 -12.75
CA GLY A 149 24.09 -11.26 -12.54
C GLY A 149 24.86 -11.48 -11.24
N GLU A 150 25.06 -12.77 -10.90
CA GLU A 150 25.77 -13.12 -9.69
C GLU A 150 26.66 -14.33 -9.89
N ILE A 151 27.94 -14.18 -9.53
CA ILE A 151 28.89 -15.28 -9.49
C ILE A 151 29.41 -15.34 -8.05
N GLY A 152 29.39 -16.52 -7.46
CA GLY A 152 29.53 -16.62 -6.02
C GLY A 152 28.18 -16.60 -5.34
N CYS A 153 28.07 -17.33 -4.22
CA CYS A 153 26.80 -17.53 -3.53
C CYS A 153 26.79 -16.76 -2.21
N LEU A 154 25.69 -16.03 -1.95
CA LEU A 154 25.46 -15.38 -0.66
C LEU A 154 25.50 -16.42 0.45
N GLY A 155 25.75 -15.96 1.67
CA GLY A 155 25.85 -16.87 2.79
C GLY A 155 26.91 -16.46 3.81
N SER A 156 26.75 -16.95 5.03
CA SER A 156 27.64 -16.56 6.11
C SER A 156 28.95 -17.31 5.98
N LEU A 157 30.03 -16.64 6.38
CA LEU A 157 31.33 -17.30 6.41
C LEU A 157 31.60 -17.97 7.74
N GLU A 158 30.85 -17.60 8.78
CA GLU A 158 30.95 -18.30 10.06
C GLU A 158 30.26 -19.67 10.02
N THR A 159 29.10 -19.73 9.35
CA THR A 159 28.21 -20.91 9.41
C THR A 159 28.07 -21.61 8.06
N VAL A 173 24.58 -26.09 3.85
CA VAL A 173 25.90 -25.70 4.29
C VAL A 173 26.88 -25.70 3.11
N LEU A 174 27.17 -24.52 2.60
CA LEU A 174 28.02 -24.35 1.43
C LEU A 174 29.50 -24.29 1.83
N ASP A 175 30.37 -24.60 0.86
CA ASP A 175 31.80 -24.47 1.09
C ASP A 175 32.16 -23.00 1.31
N HIS A 176 33.27 -22.79 2.03
CA HIS A 176 33.84 -21.44 2.09
C HIS A 176 34.13 -20.92 0.69
N SER A 177 34.68 -21.78 -0.18
CA SER A 177 35.04 -21.39 -1.53
C SER A 177 33.85 -20.93 -2.36
N GLN A 178 32.65 -21.43 -2.06
CA GLN A 178 31.44 -21.10 -2.81
C GLN A 178 30.83 -19.78 -2.36
N LEU A 179 30.94 -19.48 -1.06
CA LEU A 179 30.33 -18.31 -0.46
C LEU A 179 31.15 -17.06 -0.67
N LEU A 180 32.35 -17.19 -1.23
CA LEU A 180 33.26 -16.08 -1.45
C LEU A 180 33.65 -16.06 -2.91
N THR A 181 33.34 -14.96 -3.59
CA THR A 181 33.60 -14.85 -5.01
C THR A 181 35.10 -14.68 -5.24
N SER A 182 35.63 -15.38 -6.22
CA SER A 182 37.04 -15.26 -6.50
C SER A 182 37.27 -14.25 -7.63
N VAL A 183 38.45 -13.62 -7.61
CA VAL A 183 38.74 -12.58 -8.58
C VAL A 183 38.70 -13.17 -9.98
N GLU A 184 39.36 -14.32 -10.16
CA GLU A 184 39.50 -14.90 -11.50
C GLU A 184 38.14 -15.26 -12.11
N GLU A 185 37.20 -15.77 -11.31
CA GLU A 185 35.94 -16.18 -11.92
C GLU A 185 35.02 -14.98 -12.14
N ALA A 186 35.16 -13.92 -11.34
CA ALA A 186 34.44 -12.68 -11.64
C ALA A 186 34.90 -12.11 -12.96
N LYS A 187 36.22 -12.08 -13.19
CA LYS A 187 36.74 -11.57 -14.45
C LYS A 187 36.21 -12.40 -15.61
N GLN A 188 36.21 -13.72 -15.45
CA GLN A 188 35.75 -14.61 -16.51
C GLN A 188 34.23 -14.49 -16.71
N PHE A 189 33.48 -14.32 -15.61
CA PHE A 189 32.02 -14.25 -15.71
C PHE A 189 31.56 -12.98 -16.42
N VAL A 190 32.18 -11.85 -16.08
CA VAL A 190 31.87 -10.57 -16.71
C VAL A 190 32.29 -10.58 -18.18
N ALA A 191 33.43 -11.20 -18.49
CA ALA A 191 33.82 -11.29 -19.89
C ALA A 191 32.83 -12.12 -20.71
N ASP A 192 32.35 -13.23 -20.14
CA ASP A 192 31.49 -14.14 -20.88
C ASP A 192 30.03 -13.67 -21.01
N THR A 193 29.60 -12.66 -20.24
CA THR A 193 28.19 -12.33 -20.20
C THR A 193 27.90 -10.86 -20.48
N ASN A 194 28.87 -9.99 -20.19
CA ASN A 194 28.76 -8.54 -20.07
C ASN A 194 27.41 -8.08 -19.50
N VAL A 195 27.16 -8.47 -18.25
CA VAL A 195 26.09 -7.89 -17.49
C VAL A 195 26.36 -6.42 -17.21
N ASP A 196 25.29 -5.70 -16.91
CA ASP A 196 25.42 -4.30 -16.55
C ASP A 196 25.90 -4.14 -15.12
N ALA A 197 25.63 -5.12 -14.26
CA ALA A 197 26.03 -5.05 -12.87
C ALA A 197 26.23 -6.46 -12.35
N LEU A 198 27.22 -6.63 -11.47
CA LEU A 198 27.59 -7.94 -10.95
C LEU A 198 27.36 -8.00 -9.45
N ALA A 199 26.66 -9.02 -9.00
CA ALA A 199 26.50 -9.28 -7.57
C ALA A 199 27.62 -10.22 -7.11
N ILE A 200 28.33 -9.83 -6.05
CA ILE A 200 29.46 -10.58 -5.52
C ILE A 200 29.13 -11.08 -4.12
N ALA A 201 29.77 -12.19 -3.74
CA ALA A 201 29.59 -12.83 -2.44
C ALA A 201 30.87 -12.62 -1.64
N VAL A 202 30.76 -11.92 -0.51
CA VAL A 202 31.91 -11.62 0.37
C VAL A 202 31.51 -11.83 1.83
N GLY A 203 30.52 -12.68 2.08
CA GLY A 203 30.09 -12.98 3.42
C GLY A 203 28.84 -12.31 3.93
N THR A 204 28.05 -11.64 3.08
CA THR A 204 26.77 -11.16 3.56
C THR A 204 25.73 -12.24 3.31
N SER A 205 24.57 -12.08 3.95
CA SER A 205 23.47 -13.01 3.79
C SER A 205 22.15 -12.31 4.09
N HIS A 206 21.03 -12.96 3.77
CA HIS A 206 19.74 -12.33 4.00
C HIS A 206 19.35 -12.39 5.47
N GLY A 207 18.52 -11.43 5.88
CA GLY A 207 18.00 -11.41 7.24
C GLY A 207 18.79 -10.52 8.16
N ALA A 208 18.36 -10.53 9.43
CA ALA A 208 19.01 -9.72 10.45
C ALA A 208 20.20 -10.41 11.09
N TYR A 209 20.31 -11.74 10.97
CA TYR A 209 21.39 -12.50 11.64
C TYR A 209 22.57 -12.71 10.68
N LYS A 210 23.19 -11.60 10.31
CA LYS A 210 24.27 -11.65 9.33
C LYS A 210 25.60 -11.99 9.98
N PHE A 211 25.82 -11.53 11.21
CA PHE A 211 27.11 -11.70 11.86
C PHE A 211 26.90 -11.87 13.36
N THR A 212 27.68 -12.77 13.99
CA THR A 212 27.60 -12.93 15.44
C THR A 212 28.31 -11.83 16.22
N ARG A 213 29.30 -11.19 15.63
CA ARG A 213 30.00 -10.05 16.21
C ARG A 213 30.08 -8.96 15.15
N PRO A 214 30.46 -7.74 15.54
CA PRO A 214 30.79 -6.71 14.55
C PRO A 214 31.68 -7.29 13.47
N PRO A 215 31.28 -7.21 12.19
CA PRO A 215 32.02 -7.94 11.16
C PRO A 215 33.40 -7.32 10.96
N THR A 216 34.41 -8.18 10.97
CA THR A 216 35.79 -7.87 10.66
C THR A 216 36.16 -8.55 9.35
N GLY A 217 37.36 -8.27 8.85
CA GLY A 217 37.74 -8.75 7.54
C GLY A 217 37.69 -10.25 7.32
N ASP A 218 37.76 -11.07 8.37
CA ASP A 218 37.71 -12.52 8.18
C ASP A 218 36.30 -13.08 8.05
N ILE A 219 35.25 -12.31 8.36
CA ILE A 219 33.88 -12.75 8.10
C ILE A 219 33.12 -11.85 7.13
N LEU A 220 33.66 -10.66 6.81
CA LEU A 220 33.09 -9.76 5.78
C LEU A 220 34.27 -9.20 4.99
N ALA A 221 34.52 -9.82 3.83
CA ALA A 221 35.76 -9.65 3.07
C ALA A 221 35.71 -8.38 2.21
N ILE A 222 35.72 -7.23 2.88
CA ILE A 222 35.76 -5.96 2.17
C ILE A 222 36.96 -5.89 1.22
N ASP A 223 38.07 -6.52 1.59
CA ASP A 223 39.26 -6.55 0.73
C ASP A 223 38.99 -7.33 -0.55
N ARG A 224 38.13 -8.34 -0.49
CA ARG A 224 37.80 -9.04 -1.73
C ARG A 224 37.03 -8.12 -2.68
N ILE A 225 36.17 -7.25 -2.14
CA ILE A 225 35.59 -6.21 -2.99
C ILE A 225 36.71 -5.42 -3.67
N LYS A 226 37.64 -4.90 -2.88
CA LYS A 226 38.77 -4.16 -3.42
C LYS A 226 39.52 -4.95 -4.49
N GLU A 227 39.81 -6.21 -4.20
CA GLU A 227 40.53 -7.04 -5.17
C GLU A 227 39.73 -7.14 -6.47
N ILE A 228 38.43 -7.42 -6.36
CA ILE A 228 37.60 -7.58 -7.56
C ILE A 228 37.52 -6.27 -8.32
N HIS A 229 37.35 -5.16 -7.61
CA HIS A 229 37.29 -3.86 -8.25
C HIS A 229 38.53 -3.59 -9.10
N ALA A 230 39.72 -3.80 -8.53
CA ALA A 230 40.95 -3.52 -9.27
C ALA A 230 41.09 -4.43 -10.49
N ALA A 231 40.51 -5.62 -10.46
CA ALA A 231 40.54 -6.48 -11.64
C ALA A 231 39.51 -6.08 -12.69
N LEU A 232 38.35 -5.57 -12.28
CA LEU A 232 37.26 -5.17 -13.17
C LEU A 232 36.93 -3.71 -12.91
N PRO A 233 37.87 -2.79 -13.20
CA PRO A 233 37.70 -1.42 -12.71
C PRO A 233 36.63 -0.59 -13.40
N ASN A 234 35.81 -1.19 -14.26
CA ASN A 234 34.74 -0.45 -14.90
C ASN A 234 33.40 -1.16 -14.82
N THR A 235 33.30 -2.25 -14.07
CA THR A 235 32.05 -2.96 -13.96
C THR A 235 31.40 -2.66 -12.62
N HIS A 236 30.09 -2.45 -12.66
CA HIS A 236 29.33 -2.06 -11.48
C HIS A 236 29.11 -3.28 -10.57
N LEU A 237 29.46 -3.14 -9.30
CA LEU A 237 29.33 -4.23 -8.35
C LEU A 237 28.05 -4.02 -7.55
N VAL A 238 27.41 -5.13 -7.17
CA VAL A 238 26.19 -5.11 -6.37
C VAL A 238 26.45 -5.86 -5.05
N MET A 239 25.89 -5.36 -3.96
CA MET A 239 26.04 -5.99 -2.65
C MET A 239 24.66 -6.41 -2.17
N HIS A 240 24.43 -7.72 -2.08
CA HIS A 240 23.22 -8.19 -1.44
C HIS A 240 23.44 -8.28 0.05
N GLY A 241 22.36 -8.48 0.79
CA GLY A 241 22.40 -8.67 2.23
C GLY A 241 23.03 -7.54 3.00
N SER A 242 22.78 -6.30 2.60
CA SER A 242 23.57 -5.22 3.16
C SER A 242 22.79 -4.33 4.13
N SER A 243 21.72 -4.84 4.73
CA SER A 243 21.10 -4.11 5.82
C SER A 243 22.13 -3.92 6.92
N SER A 244 22.12 -2.73 7.52
CA SER A 244 23.01 -2.49 8.64
C SER A 244 22.52 -3.18 9.90
N VAL A 245 21.23 -3.48 9.99
CA VAL A 245 20.64 -4.02 11.21
C VAL A 245 21.00 -3.06 12.33
N PRO A 246 20.37 -1.87 12.41
CA PRO A 246 20.81 -0.87 13.39
C PRO A 246 20.53 -1.31 14.82
N GLN A 247 21.56 -1.24 15.67
CA GLN A 247 21.42 -1.71 17.04
C GLN A 247 20.35 -0.93 17.80
N GLU A 248 20.20 0.36 17.50
CA GLU A 248 19.19 1.14 18.20
C GLU A 248 17.79 0.61 17.93
N TRP A 249 17.54 0.15 16.71
CA TRP A 249 16.24 -0.44 16.40
C TRP A 249 16.06 -1.81 17.06
N LEU A 250 17.15 -2.57 17.22
CA LEU A 250 17.07 -3.80 17.99
C LEU A 250 16.65 -3.51 19.43
N LYS A 251 17.18 -2.42 20.00
CA LYS A 251 16.84 -2.08 21.39
C LYS A 251 15.37 -1.70 21.51
N VAL A 252 14.89 -0.82 20.63
CA VAL A 252 13.49 -0.41 20.70
C VAL A 252 12.59 -1.63 20.61
N ILE A 253 12.90 -2.57 19.70
CA ILE A 253 12.11 -3.78 19.57
C ILE A 253 12.11 -4.59 20.87
N ASN A 254 13.30 -4.79 21.47
CA ASN A 254 13.39 -5.60 22.69
C ASN A 254 12.67 -4.92 23.86
N GLU A 255 12.75 -3.59 23.94
CA GLU A 255 12.13 -2.86 25.05
C GLU A 255 10.61 -2.92 24.99
N PHE A 256 10.03 -2.89 23.80
CA PHE A 256 8.58 -2.84 23.66
C PHE A 256 8.03 -4.16 23.17
N GLY A 257 8.40 -5.24 23.85
CA GLY A 257 7.73 -6.52 23.65
C GLY A 257 8.42 -7.47 22.71
N GLY A 258 9.44 -7.01 22.00
CA GLY A 258 10.13 -7.85 21.06
C GLY A 258 11.21 -8.71 21.71
N ASN A 259 11.60 -9.74 20.97
CA ASN A 259 12.62 -10.68 21.42
C ASN A 259 13.53 -11.00 20.23
N ILE A 260 14.61 -10.22 20.08
CA ILE A 260 15.60 -10.41 19.03
C ILE A 260 16.94 -10.58 19.70
N GLY A 261 17.56 -11.75 19.51
CA GLY A 261 18.86 -12.03 20.13
C GLY A 261 19.97 -11.08 19.69
N GLU A 262 21.16 -11.29 20.21
CA GLU A 262 22.30 -10.45 19.84
C GLU A 262 22.74 -10.79 18.43
N THR A 263 22.65 -9.82 17.53
CA THR A 263 23.06 -10.02 16.15
C THR A 263 23.58 -8.70 15.59
N TYR A 264 24.17 -8.77 14.40
CA TYR A 264 24.84 -7.61 13.82
C TYR A 264 24.71 -7.64 12.30
N GLY A 265 24.68 -6.44 11.71
CA GLY A 265 24.56 -6.28 10.28
C GLY A 265 25.82 -5.74 9.66
N VAL A 266 25.67 -5.17 8.47
CA VAL A 266 26.80 -4.60 7.73
C VAL A 266 26.91 -3.13 8.10
N PRO A 267 27.99 -2.70 8.75
CA PRO A 267 28.13 -1.29 9.16
C PRO A 267 28.18 -0.36 7.97
N VAL A 268 27.62 0.84 8.17
CA VAL A 268 27.52 1.80 7.08
C VAL A 268 28.91 2.18 6.56
N GLU A 269 29.89 2.26 7.46
CA GLU A 269 31.22 2.70 7.06
C GLU A 269 31.83 1.76 6.04
N GLN A 270 31.59 0.46 6.19
CA GLN A 270 32.12 -0.52 5.24
C GLN A 270 31.43 -0.44 3.89
N LEU A 271 30.11 -0.20 3.88
CA LEU A 271 29.43 0.00 2.60
C LEU A 271 29.96 1.25 1.91
N VAL A 272 30.28 2.28 2.69
CA VAL A 272 30.91 3.48 2.13
C VAL A 272 32.26 3.14 1.52
N GLU A 273 33.06 2.32 2.23
CA GLU A 273 34.31 1.86 1.64
C GLU A 273 34.06 1.08 0.37
N ALA A 274 33.02 0.25 0.37
CA ALA A 274 32.78 -0.59 -0.78
C ALA A 274 32.42 0.24 -2.01
N ILE A 275 31.78 1.39 -1.80
CA ILE A 275 31.42 2.26 -2.92
C ILE A 275 32.66 2.86 -3.55
N LYS A 276 33.66 3.21 -2.74
CA LYS A 276 34.93 3.67 -3.29
C LYS A 276 35.59 2.59 -4.14
N HIS A 277 35.14 1.33 -4.02
CA HIS A 277 35.67 0.21 -4.78
C HIS A 277 34.61 -0.46 -5.66
N GLY A 278 33.76 0.35 -6.32
CA GLY A 278 32.93 -0.14 -7.41
C GLY A 278 31.56 -0.67 -7.03
N VAL A 279 31.20 -0.67 -5.75
CA VAL A 279 29.85 -1.06 -5.36
C VAL A 279 28.91 0.12 -5.62
N ARG A 280 27.95 -0.08 -6.52
CA ARG A 280 27.04 0.98 -6.94
C ARG A 280 25.60 0.75 -6.53
N LYS A 281 25.23 -0.49 -6.22
CA LYS A 281 23.89 -0.89 -5.80
C LYS A 281 24.01 -1.69 -4.51
N ILE A 282 23.27 -1.28 -3.48
CA ILE A 282 23.33 -1.88 -2.15
C ILE A 282 21.91 -2.25 -1.75
N ASN A 283 21.60 -3.55 -1.74
CA ASN A 283 20.23 -4.01 -1.51
C ASN A 283 19.88 -3.90 -0.02
N ILE A 284 18.83 -3.16 0.31
CA ILE A 284 18.44 -2.96 1.70
C ILE A 284 16.95 -3.19 1.91
N ASP A 285 16.62 -4.12 2.82
CA ASP A 285 15.23 -4.40 3.17
C ASP A 285 15.03 -4.73 4.64
N THR A 286 15.94 -5.54 5.26
CA THR A 286 15.74 -5.91 6.66
C THR A 286 15.66 -4.67 7.54
N ASP A 287 16.48 -3.66 7.22
CA ASP A 287 16.46 -2.41 8.00
C ASP A 287 15.07 -1.77 7.96
N LEU A 288 14.43 -1.78 6.79
CA LEU A 288 13.08 -1.23 6.74
C LEU A 288 12.11 -2.09 7.54
N ARG A 289 12.28 -3.41 7.53
CA ARG A 289 11.40 -4.25 8.35
C ARG A 289 11.61 -3.97 9.83
N LEU A 290 12.87 -3.83 10.26
CA LEU A 290 13.14 -3.51 11.66
C LEU A 290 12.61 -2.13 12.02
N ALA A 291 12.80 -1.13 11.15
CA ALA A 291 12.32 0.20 11.47
C ALA A 291 10.81 0.22 11.64
N SER A 292 10.09 -0.51 10.78
CA SER A 292 8.63 -0.56 10.89
C SER A 292 8.20 -1.30 12.15
N THR A 293 8.74 -2.51 12.35
CA THR A 293 8.37 -3.33 13.49
C THR A 293 8.69 -2.64 14.81
N GLY A 294 9.80 -1.91 14.87
CA GLY A 294 10.10 -1.11 16.06
C GLY A 294 9.13 0.04 16.25
N ALA A 295 8.85 0.77 15.17
CA ALA A 295 7.98 1.94 15.28
C ALA A 295 6.59 1.53 15.75
N ILE A 296 6.04 0.44 15.19
CA ILE A 296 4.72 0.00 15.63
C ILE A 296 4.77 -0.46 17.06
N ARG A 297 5.80 -1.24 17.43
CA ARG A 297 5.90 -1.75 18.80
C ARG A 297 6.00 -0.62 19.81
N ARG A 298 6.83 0.39 19.53
CA ARG A 298 6.97 1.49 20.47
C ARG A 298 5.65 2.24 20.63
N PHE A 299 4.99 2.49 19.50
CA PHE A 299 3.76 3.29 19.54
C PHE A 299 2.64 2.53 20.22
N MET A 300 2.49 1.23 19.94
CA MET A 300 1.36 0.48 20.47
C MET A 300 1.43 0.36 21.99
N ALA A 301 2.63 0.39 22.55
CA ALA A 301 2.83 0.37 23.99
C ALA A 301 2.76 1.77 24.58
N GLU A 302 3.31 2.74 23.86
CA GLU A 302 3.27 4.13 24.32
C GLU A 302 1.86 4.70 24.27
N ASN A 303 0.99 4.20 23.38
CA ASN A 303 -0.40 4.66 23.30
C ASN A 303 -1.31 3.46 23.14
N PRO A 304 -1.63 2.78 24.25
CA PRO A 304 -2.39 1.53 24.15
C PRO A 304 -3.87 1.73 23.90
N ALA A 305 -4.36 2.96 23.93
CA ALA A 305 -5.76 3.20 23.65
C ALA A 305 -6.04 3.47 22.17
N GLU A 306 -5.02 3.87 21.40
CA GLU A 306 -5.20 4.09 19.97
C GLU A 306 -5.40 2.77 19.24
N PHE A 307 -6.31 2.77 18.26
CA PHE A 307 -6.48 1.61 17.41
C PHE A 307 -6.62 1.96 15.94
N ASP A 308 -6.47 3.21 15.57
CA ASP A 308 -6.47 3.59 14.17
C ASP A 308 -5.14 3.14 13.60
N PRO A 309 -5.11 2.18 12.68
CA PRO A 309 -3.83 1.73 12.12
C PRO A 309 -3.03 2.85 11.50
N ARG A 310 -3.69 3.81 10.83
CA ARG A 310 -3.01 4.94 10.24
C ARG A 310 -2.17 5.68 11.28
N LYS A 311 -2.60 5.65 12.55
CA LYS A 311 -1.91 6.43 13.56
C LYS A 311 -0.50 5.92 13.78
N TYR A 312 -0.30 4.60 13.79
CA TYR A 312 1.06 4.09 13.92
C TYR A 312 1.72 3.73 12.61
N PHE A 313 0.95 3.40 11.57
CA PHE A 313 1.52 3.26 10.24
C PHE A 313 2.21 4.55 9.84
N ALA A 314 1.70 5.69 10.31
CA ALA A 314 2.38 6.96 10.05
C ALA A 314 3.81 6.92 10.55
N LYS A 315 4.05 6.22 11.66
CA LYS A 315 5.39 6.15 12.21
C LYS A 315 6.27 5.20 11.44
N THR A 316 5.71 4.17 10.81
CA THR A 316 6.55 3.33 9.99
C THR A 316 7.07 4.13 8.80
N VAL A 317 6.21 4.99 8.22
CA VAL A 317 6.65 5.85 7.13
C VAL A 317 7.79 6.75 7.57
N ASP A 318 7.65 7.40 8.73
CA ASP A 318 8.71 8.29 9.21
C ASP A 318 10.01 7.54 9.48
N SER A 319 9.92 6.39 10.13
CA SER A 319 11.16 5.69 10.50
C SER A 319 11.78 4.98 9.30
N MET A 320 10.97 4.41 8.40
CA MET A 320 11.53 3.88 7.16
C MET A 320 12.15 5.00 6.33
N LYS A 321 11.47 6.15 6.26
CA LYS A 321 11.97 7.29 5.48
C LYS A 321 13.31 7.74 6.01
N GLN A 322 13.45 7.77 7.34
CA GLN A 322 14.74 8.19 7.90
C GLN A 322 15.85 7.22 7.54
N ILE A 323 15.56 5.92 7.53
CA ILE A 323 16.59 4.96 7.14
C ILE A 323 17.02 5.22 5.70
N CYS A 324 16.03 5.47 4.83
CA CYS A 324 16.35 5.70 3.42
C CYS A 324 17.16 6.98 3.25
N ILE A 325 16.76 8.04 3.95
CA ILE A 325 17.50 9.30 3.88
C ILE A 325 18.94 9.09 4.33
N ASP A 326 19.12 8.38 5.44
CA ASP A 326 20.47 8.11 5.95
C ASP A 326 21.32 7.39 4.92
N ARG A 327 20.73 6.46 4.17
CA ARG A 327 21.52 5.73 3.19
C ARG A 327 21.82 6.61 1.98
N TYR A 328 20.78 7.29 1.42
CA TYR A 328 20.98 8.22 0.31
C TYR A 328 22.09 9.22 0.60
N GLU A 329 22.15 9.72 1.83
CA GLU A 329 23.17 10.70 2.17
C GLU A 329 24.52 10.03 2.36
N ALA A 330 24.57 8.96 3.17
CA ALA A 330 25.85 8.31 3.46
C ALA A 330 26.47 7.66 2.22
N PHE A 331 25.66 7.38 1.19
CA PHE A 331 26.13 6.73 -0.02
C PHE A 331 26.40 7.71 -1.17
N GLY A 332 26.26 9.01 -0.93
CA GLY A 332 26.45 9.96 -2.00
C GLY A 332 25.33 10.02 -3.01
N THR A 333 24.20 9.32 -2.78
CA THR A 333 23.09 9.38 -3.72
C THR A 333 22.44 10.77 -3.72
N ALA A 334 22.46 11.45 -2.57
CA ALA A 334 21.74 12.70 -2.43
C ALA A 334 22.27 13.76 -3.38
N GLY A 335 21.36 14.55 -3.95
CA GLY A 335 21.76 15.64 -4.82
C GLY A 335 21.96 15.30 -6.28
N ASN A 336 21.66 14.07 -6.70
CA ASN A 336 21.88 13.64 -8.07
C ASN A 336 20.61 13.50 -8.91
N ALA A 337 19.43 13.58 -8.31
CA ALA A 337 18.22 13.34 -9.08
C ALA A 337 18.13 14.31 -10.25
N ASP A 338 18.37 15.60 -9.99
CA ASP A 338 18.23 16.50 -11.13
C ASP A 338 19.51 16.63 -11.98
N LYS A 339 20.57 15.87 -11.70
CA LYS A 339 21.70 15.81 -12.62
C LYS A 339 21.51 14.77 -13.71
N ILE A 340 20.39 14.08 -13.70
CA ILE A 340 20.12 12.95 -14.58
C ILE A 340 19.06 13.34 -15.61
N ARG A 341 19.46 13.34 -16.89
CA ARG A 341 18.49 13.49 -17.96
C ARG A 341 18.11 12.09 -18.41
N PRO A 342 16.90 11.62 -18.10
CA PRO A 342 16.55 10.23 -18.41
C PRO A 342 16.76 9.91 -19.88
N ILE A 343 17.10 8.65 -20.13
CA ILE A 343 17.22 8.09 -21.47
C ILE A 343 16.17 6.97 -21.58
N SER A 344 15.31 7.06 -22.58
CA SER A 344 14.25 6.09 -22.75
C SER A 344 14.85 4.71 -23.01
N LEU A 345 14.08 3.67 -22.66
CA LEU A 345 14.60 2.33 -22.92
C LEU A 345 14.74 2.08 -24.40
N GLU A 346 13.96 2.78 -25.22
CA GLU A 346 14.15 2.67 -26.66
C GLU A 346 15.52 3.21 -27.05
N LYS A 347 15.90 4.37 -26.52
CA LYS A 347 17.20 4.94 -26.82
C LYS A 347 18.35 4.15 -26.17
N MET A 348 18.09 3.42 -25.08
CA MET A 348 19.14 2.57 -24.49
C MET A 348 19.52 1.41 -25.40
N VAL A 349 18.67 1.06 -26.37
CA VAL A 349 18.99 -0.04 -27.28
C VAL A 349 20.25 0.28 -28.08
N ASP A 350 20.42 1.53 -28.48
CA ASP A 350 21.58 1.89 -29.31
C ASP A 350 22.91 1.73 -28.56
N ARG A 351 22.89 1.74 -27.24
CA ARG A 351 24.11 1.58 -26.46
C ARG A 351 24.68 0.17 -26.56
N TYR A 352 23.87 -0.81 -26.96
CA TYR A 352 24.28 -2.20 -27.01
C TYR A 352 24.63 -2.71 -28.41
N LYS A 353 24.10 -2.09 -29.47
CA LYS A 353 24.45 -2.53 -30.81
C LYS A 353 25.53 -1.63 -31.41
N HIS B 6 -20.56 -7.72 -20.68
CA HIS B 6 -20.12 -6.45 -20.11
C HIS B 6 -18.75 -6.57 -19.44
N HIS B 7 -18.24 -5.46 -18.91
CA HIS B 7 -16.93 -5.44 -18.24
C HIS B 7 -16.95 -4.44 -17.10
N HIS B 8 -16.17 -4.72 -16.06
CA HIS B 8 -16.09 -3.78 -14.95
C HIS B 8 -14.72 -3.13 -14.89
N MET B 9 -14.28 -2.56 -16.02
CA MET B 9 -13.00 -1.87 -16.03
C MET B 9 -13.16 -0.42 -15.63
N ALA B 10 -14.38 0.07 -15.58
CA ALA B 10 -14.74 1.36 -15.02
C ALA B 10 -15.44 1.15 -13.69
N LEU B 11 -15.61 2.26 -12.96
CA LEU B 11 -16.42 2.28 -11.75
C LEU B 11 -17.88 2.45 -12.14
N ILE B 12 -18.76 2.01 -11.27
CA ILE B 12 -20.16 2.30 -11.46
C ILE B 12 -20.55 3.39 -10.48
N SER B 13 -21.64 4.08 -10.82
CA SER B 13 -22.15 5.12 -9.95
C SER B 13 -22.74 4.51 -8.69
N MET B 14 -22.78 5.30 -7.63
CA MET B 14 -23.47 4.89 -6.43
C MET B 14 -24.97 4.77 -6.69
N ARG B 15 -25.53 5.74 -7.41
CA ARG B 15 -26.95 5.76 -7.67
C ARG B 15 -27.42 4.45 -8.29
N GLN B 16 -26.72 3.97 -9.32
CA GLN B 16 -27.08 2.68 -9.90
C GLN B 16 -27.06 1.59 -8.82
N LEU B 17 -25.98 1.54 -8.02
CA LEU B 17 -25.83 0.46 -7.05
C LEU B 17 -26.89 0.51 -5.98
N LEU B 18 -27.24 1.72 -5.51
CA LEU B 18 -28.29 1.78 -4.51
C LEU B 18 -29.67 1.56 -5.10
N ASP B 19 -29.88 1.89 -6.39
CA ASP B 19 -31.13 1.48 -7.04
C ASP B 19 -31.25 -0.03 -7.02
N HIS B 20 -30.12 -0.73 -7.17
CA HIS B 20 -30.17 -2.19 -7.14
C HIS B 20 -30.51 -2.68 -5.74
N ALA B 21 -29.87 -2.09 -4.73
CA ALA B 21 -30.20 -2.40 -3.34
C ALA B 21 -31.70 -2.30 -3.07
N ALA B 22 -32.34 -1.25 -3.57
CA ALA B 22 -33.78 -1.08 -3.37
C ALA B 22 -34.57 -2.16 -4.12
N GLU B 23 -34.27 -2.36 -5.41
CA GLU B 23 -35.02 -3.33 -6.20
C GLU B 23 -34.96 -4.73 -5.59
N HIS B 24 -33.85 -5.11 -4.96
CA HIS B 24 -33.65 -6.44 -4.40
C HIS B 24 -33.52 -6.46 -2.87
N ASN B 25 -33.91 -5.38 -2.19
CA ASN B 25 -34.08 -5.35 -0.74
C ASN B 25 -32.85 -5.80 0.03
N TYR B 26 -31.74 -5.11 -0.22
CA TYR B 26 -30.52 -5.32 0.54
C TYR B 26 -29.85 -3.98 0.76
N GLY B 27 -28.78 -4.01 1.56
CA GLY B 27 -27.99 -2.84 1.83
C GLY B 27 -26.54 -3.11 1.51
N VAL B 28 -25.77 -2.03 1.41
CA VAL B 28 -24.37 -2.12 1.06
C VAL B 28 -23.55 -1.45 2.16
N PRO B 29 -22.65 -2.17 2.81
CA PRO B 29 -21.70 -1.53 3.73
C PRO B 29 -20.62 -0.81 2.98
N ALA B 30 -20.25 0.36 3.49
CA ALA B 30 -19.22 1.21 2.89
C ALA B 30 -17.97 1.15 3.75
N PHE B 31 -16.86 0.72 3.15
CA PHE B 31 -15.60 0.59 3.88
C PHE B 31 -14.61 1.64 3.43
N ASN B 32 -13.81 2.13 4.36
CA ASN B 32 -12.80 3.13 4.03
C ASN B 32 -11.55 2.40 3.57
N VAL B 33 -10.95 2.90 2.51
CA VAL B 33 -9.64 2.49 2.08
C VAL B 33 -8.65 3.56 2.46
N ASN B 34 -7.52 3.16 3.05
CA ASN B 34 -6.44 4.07 3.40
C ASN B 34 -5.12 3.54 2.84
N ASN B 35 -4.98 2.23 2.69
CA ASN B 35 -3.74 1.71 2.11
C ASN B 35 -4.02 0.38 1.41
N LEU B 36 -2.93 -0.30 1.02
CA LEU B 36 -3.03 -1.48 0.18
C LEU B 36 -3.71 -2.63 0.90
N GLU B 37 -3.33 -2.89 2.14
CA GLU B 37 -3.89 -4.03 2.85
C GLU B 37 -5.39 -3.88 3.07
N GLN B 38 -5.86 -2.66 3.29
CA GLN B 38 -7.30 -2.43 3.47
C GLN B 38 -8.07 -2.69 2.18
N MET B 39 -7.54 -2.21 1.05
CA MET B 39 -8.18 -2.44 -0.24
C MET B 39 -8.27 -3.92 -0.57
N ARG B 40 -7.22 -4.68 -0.25
CA ARG B 40 -7.25 -6.11 -0.56
C ARG B 40 -8.28 -6.85 0.30
N ALA B 41 -8.41 -6.47 1.57
CA ALA B 41 -9.37 -7.14 2.44
C ALA B 41 -10.79 -6.97 1.93
N ILE B 42 -11.14 -5.74 1.57
CA ILE B 42 -12.45 -5.42 1.02
C ILE B 42 -12.71 -6.24 -0.24
N MET B 43 -11.78 -6.17 -1.20
CA MET B 43 -12.01 -6.85 -2.47
C MET B 43 -12.05 -8.36 -2.29
N LEU B 44 -11.13 -8.92 -1.48
CA LEU B 44 -11.16 -10.37 -1.23
C LEU B 44 -12.47 -10.82 -0.60
N ALA B 45 -13.02 -10.00 0.29
CA ALA B 45 -14.32 -10.31 0.88
C ALA B 45 -15.44 -10.19 -0.15
N ALA B 46 -15.40 -9.14 -0.99
CA ALA B 46 -16.40 -9.00 -2.04
C ALA B 46 -16.33 -10.14 -3.04
N ASP B 47 -15.11 -10.63 -3.34
CA ASP B 47 -15.00 -11.81 -4.18
C ASP B 47 -15.56 -13.03 -3.48
N ALA B 48 -15.24 -13.21 -2.21
CA ALA B 48 -15.70 -14.39 -1.50
C ALA B 48 -17.23 -14.46 -1.46
N THR B 49 -17.89 -13.30 -1.36
CA THR B 49 -19.34 -13.27 -1.25
C THR B 49 -20.03 -12.87 -2.55
N ASN B 50 -19.27 -12.58 -3.60
CA ASN B 50 -19.80 -12.08 -4.88
C ASN B 50 -20.74 -10.89 -4.67
N SER B 51 -20.20 -9.85 -4.05
CA SER B 51 -20.92 -8.63 -3.71
C SER B 51 -20.33 -7.45 -4.46
N PRO B 52 -21.16 -6.50 -4.85
CA PRO B 52 -20.63 -5.21 -5.31
C PRO B 52 -20.09 -4.44 -4.13
N VAL B 53 -19.24 -3.45 -4.43
CA VAL B 53 -18.42 -2.81 -3.42
C VAL B 53 -18.57 -1.29 -3.47
N ILE B 54 -18.68 -0.70 -2.29
CA ILE B 54 -18.40 0.71 -2.06
C ILE B 54 -17.09 0.81 -1.26
N VAL B 55 -16.13 1.55 -1.79
CA VAL B 55 -14.94 1.92 -1.04
C VAL B 55 -14.92 3.43 -0.96
N GLN B 56 -14.66 3.95 0.23
CA GLN B 56 -14.69 5.39 0.45
C GLN B 56 -13.28 5.85 0.79
N ALA B 57 -13.07 7.13 0.60
CA ALA B 57 -11.86 7.81 1.00
C ALA B 57 -12.28 8.85 2.03
N SER B 58 -11.64 8.82 3.17
CA SER B 58 -11.93 9.78 4.22
C SER B 58 -11.48 11.15 3.78
N ALA B 59 -11.94 12.17 4.50
CA ALA B 59 -11.48 13.52 4.19
C ALA B 59 -9.96 13.59 4.24
N GLY B 60 -9.32 12.80 5.10
CA GLY B 60 -7.87 12.84 5.24
C GLY B 60 -7.14 11.73 4.50
N ALA B 61 -7.91 10.82 3.88
CA ALA B 61 -7.31 9.76 3.06
C ALA B 61 -6.49 10.34 1.92
N ARG B 62 -6.96 11.42 1.30
CA ARG B 62 -6.17 12.07 0.26
C ARG B 62 -4.81 12.52 0.82
N LYS B 63 -4.79 13.13 2.00
CA LYS B 63 -3.54 13.64 2.55
C LYS B 63 -2.62 12.50 2.99
N TYR B 64 -3.20 11.49 3.63
CA TYR B 64 -2.40 10.39 4.19
C TYR B 64 -1.69 9.61 3.10
N ALA B 65 -2.39 9.31 2.02
CA ALA B 65 -1.94 8.31 1.07
C ALA B 65 -1.43 8.89 -0.23
N GLY B 66 -1.70 10.17 -0.50
CA GLY B 66 -1.43 10.74 -1.79
C GLY B 66 -2.59 10.50 -2.74
N ALA B 67 -2.99 11.52 -3.48
CA ALA B 67 -4.09 11.33 -4.43
C ALA B 67 -3.75 10.34 -5.52
N PRO B 68 -2.54 10.30 -6.07
CA PRO B 68 -2.25 9.29 -7.12
C PRO B 68 -2.35 7.87 -6.59
N PHE B 69 -2.03 7.66 -5.30
CA PHE B 69 -2.03 6.31 -4.76
C PHE B 69 -3.44 5.79 -4.55
N LEU B 70 -4.34 6.64 -4.03
CA LEU B 70 -5.71 6.18 -3.90
C LEU B 70 -6.38 6.02 -5.26
N ARG B 71 -6.04 6.84 -6.24
CA ARG B 71 -6.52 6.51 -7.57
C ARG B 71 -5.97 5.16 -8.01
N HIS B 72 -4.68 4.94 -7.79
CA HIS B 72 -4.05 3.75 -8.34
C HIS B 72 -4.38 2.49 -7.56
N LEU B 73 -4.72 2.61 -6.28
CA LEU B 73 -5.19 1.43 -5.55
C LEU B 73 -6.51 0.93 -6.14
N ILE B 74 -7.44 1.84 -6.43
CA ILE B 74 -8.73 1.45 -7.01
C ILE B 74 -8.53 0.85 -8.39
N LEU B 75 -7.65 1.47 -9.19
CA LEU B 75 -7.36 0.90 -10.51
C LEU B 75 -6.85 -0.53 -10.38
N ALA B 76 -5.92 -0.76 -9.44
CA ALA B 76 -5.37 -2.10 -9.26
C ALA B 76 -6.44 -3.08 -8.85
N ALA B 77 -7.34 -2.68 -7.95
CA ALA B 77 -8.42 -3.56 -7.51
C ALA B 77 -9.28 -3.99 -8.69
N ILE B 78 -9.66 -3.02 -9.54
CA ILE B 78 -10.49 -3.30 -10.72
C ILE B 78 -9.75 -4.24 -11.68
N GLU B 79 -8.43 -4.09 -11.80
CA GLU B 79 -7.71 -5.06 -12.61
C GLU B 79 -7.78 -6.45 -12.00
N GLU B 80 -7.50 -6.56 -10.69
CA GLU B 80 -7.32 -7.89 -10.12
C GLU B 80 -8.63 -8.63 -9.95
N TRP B 81 -9.75 -7.93 -9.80
CA TRP B 81 -11.08 -8.53 -9.67
C TRP B 81 -12.01 -7.86 -10.67
N PRO B 82 -11.85 -8.13 -11.96
CA PRO B 82 -12.69 -7.45 -12.96
C PRO B 82 -14.16 -7.82 -12.87
N HIS B 83 -14.52 -8.85 -12.13
CA HIS B 83 -15.92 -9.25 -12.04
C HIS B 83 -16.69 -8.54 -10.92
N ILE B 84 -16.06 -7.69 -10.12
CA ILE B 84 -16.74 -7.02 -9.00
C ILE B 84 -17.06 -5.58 -9.41
N PRO B 85 -18.31 -5.16 -9.37
CA PRO B 85 -18.61 -3.74 -9.58
C PRO B 85 -18.11 -2.95 -8.37
N VAL B 86 -17.56 -1.76 -8.62
CA VAL B 86 -16.92 -0.99 -7.57
C VAL B 86 -17.40 0.46 -7.67
N VAL B 87 -18.01 0.98 -6.61
CA VAL B 87 -18.24 2.40 -6.44
C VAL B 87 -17.07 3.00 -5.65
N MET B 88 -16.44 4.05 -6.19
CA MET B 88 -15.43 4.81 -5.47
C MET B 88 -16.07 6.11 -4.98
N HIS B 89 -16.25 6.22 -3.65
CA HIS B 89 -17.04 7.27 -3.02
C HIS B 89 -16.17 8.17 -2.15
N GLN B 90 -16.32 9.48 -2.32
CA GLN B 90 -15.66 10.47 -1.46
C GLN B 90 -16.52 10.76 -0.23
N ASP B 91 -16.05 10.33 0.94
CA ASP B 91 -16.79 10.55 2.17
C ASP B 91 -16.46 11.91 2.77
N HIS B 92 -17.47 12.51 3.40
CA HIS B 92 -17.36 13.70 4.24
C HIS B 92 -16.58 14.83 3.56
N GLY B 93 -17.08 15.27 2.41
CA GLY B 93 -16.54 16.47 1.78
C GLY B 93 -17.04 17.69 2.53
N THR B 94 -16.12 18.61 2.85
CA THR B 94 -16.45 19.74 3.72
C THR B 94 -16.80 21.01 2.96
N SER B 95 -16.64 21.04 1.63
CA SER B 95 -16.98 22.21 0.84
C SER B 95 -17.18 21.76 -0.60
N PRO B 96 -17.95 22.50 -1.39
CA PRO B 96 -18.05 22.13 -2.81
C PRO B 96 -16.71 21.96 -3.49
N ASP B 97 -15.73 22.81 -3.12
CA ASP B 97 -14.44 22.75 -3.80
C ASP B 97 -13.77 21.40 -3.59
N VAL B 98 -13.92 20.82 -2.39
CA VAL B 98 -13.39 19.48 -2.10
C VAL B 98 -14.01 18.44 -3.01
N CYS B 99 -15.36 18.42 -3.12
CA CYS B 99 -16.01 17.40 -3.94
C CYS B 99 -15.59 17.51 -5.40
N GLN B 100 -15.32 18.74 -5.85
CA GLN B 100 -14.90 18.91 -7.24
C GLN B 100 -13.54 18.26 -7.49
N ARG B 101 -12.62 18.36 -6.53
CA ARG B 101 -11.33 17.68 -6.71
C ARG B 101 -11.51 16.16 -6.73
N SER B 102 -12.44 15.65 -5.93
CA SER B 102 -12.78 14.23 -6.00
C SER B 102 -13.29 13.85 -7.39
N ILE B 103 -14.16 14.69 -7.98
CA ILE B 103 -14.64 14.39 -9.33
C ILE B 103 -13.50 14.39 -10.33
N GLN B 104 -12.61 15.37 -10.24
CA GLN B 104 -11.47 15.42 -11.15
C GLN B 104 -10.55 14.21 -10.96
N LEU B 105 -10.37 13.76 -9.72
CA LEU B 105 -9.60 12.55 -9.48
C LEU B 105 -10.26 11.28 -10.04
N GLY B 106 -11.56 11.29 -10.28
CA GLY B 106 -12.20 10.17 -10.93
C GLY B 106 -13.19 9.40 -10.06
N PHE B 107 -13.50 9.89 -8.87
CA PHE B 107 -14.55 9.30 -8.06
C PHE B 107 -15.86 9.24 -8.85
N SER B 108 -16.66 8.21 -8.58
CA SER B 108 -17.97 8.07 -9.17
C SER B 108 -19.09 8.45 -8.21
N SER B 109 -18.75 8.90 -7.00
CA SER B 109 -19.75 9.28 -6.01
C SER B 109 -19.07 10.16 -4.97
N VAL B 110 -19.72 11.25 -4.56
CA VAL B 110 -19.16 12.16 -3.57
C VAL B 110 -20.19 12.49 -2.50
N MET B 111 -19.70 12.76 -1.29
CA MET B 111 -20.52 13.29 -0.21
C MET B 111 -20.14 14.74 0.09
N MET B 112 -21.12 15.63 0.01
CA MET B 112 -21.02 17.01 0.50
C MET B 112 -21.70 17.05 1.86
N ASP B 113 -20.91 16.97 2.93
CA ASP B 113 -21.48 17.05 4.28
C ASP B 113 -21.80 18.51 4.57
N GLY B 114 -23.00 18.94 4.13
CA GLY B 114 -23.47 20.29 4.31
C GLY B 114 -24.05 20.61 5.68
N SER B 115 -24.17 19.60 6.54
CA SER B 115 -24.62 19.84 7.91
C SER B 115 -23.55 20.57 8.71
N LEU B 116 -22.29 20.35 8.39
CA LEU B 116 -21.17 21.01 9.07
C LEU B 116 -20.50 21.97 8.11
N GLY B 117 -19.89 23.01 8.66
CA GLY B 117 -19.30 24.04 7.83
C GLY B 117 -18.04 23.57 7.14
N ALA B 118 -17.40 24.52 6.45
CA ALA B 118 -16.15 24.22 5.79
C ALA B 118 -15.09 23.77 6.80
N ASP B 119 -15.20 24.25 8.05
CA ASP B 119 -14.30 23.81 9.13
C ASP B 119 -14.47 22.34 9.49
N GLY B 120 -15.60 21.73 9.13
CA GLY B 120 -15.80 20.31 9.42
C GLY B 120 -16.23 19.99 10.84
N LYS B 121 -16.58 21.00 11.65
CA LYS B 121 -17.01 20.75 13.02
C LYS B 121 -18.27 21.55 13.35
N THR B 122 -18.39 22.75 12.77
CA THR B 122 -19.45 23.68 13.15
C THR B 122 -20.76 23.32 12.47
N PRO B 123 -21.83 23.07 13.23
CA PRO B 123 -23.14 22.88 12.60
C PRO B 123 -23.59 24.15 11.89
N THR B 124 -24.45 23.98 10.89
CA THR B 124 -24.73 25.03 9.92
C THR B 124 -26.22 25.32 9.85
N THR B 125 -26.55 26.48 9.28
CA THR B 125 -27.92 26.81 8.96
C THR B 125 -28.45 25.90 7.86
N TYR B 126 -29.75 25.60 7.93
CA TYR B 126 -30.40 24.83 6.87
C TYR B 126 -30.12 25.44 5.50
N ASP B 127 -30.17 26.77 5.39
CA ASP B 127 -29.88 27.40 4.10
C ASP B 127 -28.49 27.06 3.62
N TYR B 128 -27.48 27.19 4.50
CA TYR B 128 -26.12 26.83 4.11
C TYR B 128 -26.06 25.41 3.59
N ASN B 129 -26.75 24.49 4.28
CA ASN B 129 -26.71 23.09 3.88
C ASN B 129 -27.17 22.91 2.44
N VAL B 130 -28.35 23.44 2.12
CA VAL B 130 -28.93 23.33 0.78
C VAL B 130 -28.03 24.00 -0.26
N ASP B 131 -27.38 25.11 0.12
CA ASP B 131 -26.56 25.86 -0.83
C ASP B 131 -25.36 25.05 -1.30
N VAL B 132 -24.52 24.59 -0.38
CA VAL B 132 -23.35 23.80 -0.78
C VAL B 132 -23.76 22.45 -1.34
N THR B 133 -24.88 21.90 -0.87
CA THR B 133 -25.31 20.60 -1.38
C THR B 133 -25.83 20.75 -2.81
N ARG B 134 -26.63 21.77 -3.08
CA ARG B 134 -27.01 22.05 -4.47
C ARG B 134 -25.77 22.28 -5.31
N GLN B 135 -24.87 23.12 -4.81
CA GLN B 135 -23.65 23.46 -5.51
C GLN B 135 -22.96 22.20 -6.02
N VAL B 136 -22.81 21.20 -5.13
CA VAL B 136 -22.10 19.97 -5.49
C VAL B 136 -22.97 19.12 -6.41
N VAL B 137 -24.27 19.07 -6.14
CA VAL B 137 -25.18 18.32 -7.00
C VAL B 137 -25.03 18.76 -8.45
N ALA B 138 -24.91 20.07 -8.69
CA ALA B 138 -24.80 20.55 -10.07
C ALA B 138 -23.56 20.02 -10.75
N MET B 139 -22.40 20.18 -10.13
CA MET B 139 -21.21 19.77 -10.87
C MET B 139 -21.09 18.25 -10.98
N ALA B 140 -21.70 17.50 -10.04
CA ALA B 140 -21.60 16.04 -10.09
C ALA B 140 -22.59 15.43 -11.08
N HIS B 141 -23.84 15.86 -11.06
CA HIS B 141 -24.78 15.23 -11.97
C HIS B 141 -24.50 15.58 -13.42
N ALA B 142 -23.80 16.68 -13.70
CA ALA B 142 -23.35 16.91 -15.06
C ALA B 142 -22.43 15.80 -15.55
N CYS B 143 -21.71 15.13 -14.62
CA CYS B 143 -20.72 14.09 -14.94
C CYS B 143 -21.24 12.68 -14.82
N GLY B 144 -22.45 12.48 -14.30
CA GLY B 144 -22.93 11.19 -13.88
C GLY B 144 -22.54 10.78 -12.47
N VAL B 145 -21.74 11.59 -11.77
CA VAL B 145 -21.29 11.25 -10.42
C VAL B 145 -22.43 11.41 -9.44
N SER B 146 -22.51 10.50 -8.46
CA SER B 146 -23.55 10.49 -7.44
C SER B 146 -23.20 11.43 -6.29
N VAL B 147 -24.22 11.85 -5.54
CA VAL B 147 -24.06 12.79 -4.43
C VAL B 147 -24.82 12.30 -3.19
N GLU B 148 -24.11 12.24 -2.07
CA GLU B 148 -24.72 12.03 -0.77
C GLU B 148 -24.62 13.32 0.05
N GLY B 149 -25.75 13.79 0.59
CA GLY B 149 -25.76 14.96 1.45
C GLY B 149 -26.25 14.60 2.84
N GLU B 150 -26.14 15.56 3.76
CA GLU B 150 -26.55 15.28 5.14
C GLU B 150 -27.30 16.45 5.75
N ILE B 151 -28.44 16.15 6.37
CA ILE B 151 -29.23 17.13 7.13
C ILE B 151 -29.38 16.66 8.56
N GLY B 152 -29.12 17.56 9.51
CA GLY B 152 -28.99 17.17 10.90
C GLY B 152 -27.56 16.90 11.30
N CYS B 153 -27.26 17.17 12.57
CA CYS B 153 -25.90 17.07 13.07
C CYS B 153 -25.75 15.82 13.93
N GLN B 178 -30.83 19.03 17.31
CA GLN B 178 -29.74 19.02 16.33
C GLN B 178 -29.25 17.62 15.97
N LEU B 179 -29.19 16.75 16.98
CA LEU B 179 -28.62 15.40 16.88
C LEU B 179 -29.61 14.36 16.37
N LEU B 180 -30.87 14.74 16.17
CA LEU B 180 -31.89 13.80 15.71
C LEU B 180 -32.58 14.40 14.49
N THR B 181 -32.59 13.64 13.40
CA THR B 181 -33.19 14.11 12.15
C THR B 181 -34.70 14.04 12.23
N SER B 182 -35.37 15.11 11.80
CA SER B 182 -36.82 15.18 11.76
C SER B 182 -37.32 14.83 10.36
N VAL B 183 -38.55 14.33 10.29
CA VAL B 183 -39.10 13.84 9.04
C VAL B 183 -39.31 14.98 8.05
N GLU B 184 -39.94 16.07 8.50
CA GLU B 184 -40.33 17.12 7.54
C GLU B 184 -39.11 17.74 6.88
N GLU B 185 -38.01 17.90 7.61
CA GLU B 185 -36.85 18.55 7.01
C GLU B 185 -36.08 17.61 6.10
N ALA B 186 -36.18 16.30 6.31
CA ALA B 186 -35.66 15.35 5.33
C ALA B 186 -36.42 15.44 4.02
N LYS B 187 -37.76 15.51 4.09
CA LYS B 187 -38.57 15.63 2.88
C LYS B 187 -38.24 16.92 2.12
N GLN B 188 -38.15 18.04 2.84
CA GLN B 188 -37.87 19.31 2.17
C GLN B 188 -36.45 19.38 1.66
N PHE B 189 -35.49 18.81 2.41
CA PHE B 189 -34.10 18.88 1.99
C PHE B 189 -33.85 18.08 0.71
N VAL B 190 -34.48 16.91 0.61
CA VAL B 190 -34.35 16.13 -0.62
C VAL B 190 -35.03 16.85 -1.78
N ALA B 191 -36.18 17.51 -1.52
CA ALA B 191 -36.83 18.27 -2.58
C ALA B 191 -35.95 19.42 -3.06
N ASP B 192 -35.26 20.10 -2.13
CA ASP B 192 -34.48 21.26 -2.52
C ASP B 192 -33.16 20.90 -3.21
N THR B 193 -32.68 19.66 -3.07
CA THR B 193 -31.37 19.32 -3.61
C THR B 193 -31.41 18.11 -4.53
N ASN B 194 -32.37 17.19 -4.27
CA ASN B 194 -32.42 15.82 -4.78
C ASN B 194 -31.03 15.20 -4.94
N VAL B 195 -30.37 15.02 -3.80
CA VAL B 195 -29.20 14.19 -3.73
C VAL B 195 -29.59 12.76 -4.08
N ASP B 196 -28.62 11.97 -4.47
CA ASP B 196 -28.93 10.57 -4.71
C ASP B 196 -29.10 9.80 -3.42
N ALA B 197 -28.54 10.30 -2.30
CA ALA B 197 -28.64 9.63 -1.02
C ALA B 197 -28.57 10.65 0.11
N LEU B 198 -29.32 10.39 1.17
CA LEU B 198 -29.38 11.30 2.31
C LEU B 198 -28.85 10.56 3.52
N ALA B 199 -27.86 11.13 4.19
CA ALA B 199 -27.36 10.58 5.44
C ALA B 199 -28.15 11.21 6.58
N ILE B 200 -28.71 10.37 7.43
CA ILE B 200 -29.61 10.81 8.48
C ILE B 200 -28.98 10.52 9.84
N ALA B 201 -29.39 11.30 10.84
CA ALA B 201 -28.86 11.19 12.21
C ALA B 201 -29.92 10.54 13.09
N VAL B 202 -29.59 9.37 13.64
CA VAL B 202 -30.53 8.62 14.48
C VAL B 202 -29.83 8.14 15.74
N GLY B 203 -28.80 8.85 16.18
CA GLY B 203 -28.15 8.58 17.45
C GLY B 203 -26.87 7.77 17.39
N THR B 204 -26.29 7.57 16.22
CA THR B 204 -24.98 6.97 16.09
C THR B 204 -23.92 8.06 15.96
N SER B 205 -22.65 7.68 16.13
CA SER B 205 -21.57 8.63 15.96
C SER B 205 -20.28 7.89 15.58
N HIS B 206 -19.30 8.64 15.14
CA HIS B 206 -18.02 8.08 14.70
C HIS B 206 -17.20 7.63 15.90
N GLY B 207 -16.38 6.59 15.68
CA GLY B 207 -15.48 6.08 16.70
C GLY B 207 -16.05 4.90 17.45
N ALA B 208 -15.25 4.41 18.40
CA ALA B 208 -15.66 3.21 19.15
C ALA B 208 -16.56 3.50 20.34
N TYR B 209 -16.58 4.73 20.84
CA TYR B 209 -17.35 5.08 22.04
C TYR B 209 -18.75 5.55 21.62
N LYS B 210 -19.51 4.60 21.07
CA LYS B 210 -20.82 4.94 20.53
C LYS B 210 -21.89 4.97 21.63
N PHE B 211 -21.80 4.07 22.60
CA PHE B 211 -22.79 4.00 23.67
C PHE B 211 -22.14 3.54 24.95
N THR B 212 -22.61 4.10 26.07
CA THR B 212 -22.13 3.65 27.37
C THR B 212 -22.72 2.31 27.76
N ARG B 213 -23.92 2.00 27.26
CA ARG B 213 -24.60 0.74 27.47
C ARG B 213 -25.03 0.17 26.14
N PRO B 214 -25.39 -1.12 26.10
CA PRO B 214 -26.03 -1.68 24.90
C PRO B 214 -27.14 -0.79 24.39
N PRO B 215 -27.10 -0.39 23.12
CA PRO B 215 -28.06 0.59 22.62
C PRO B 215 -29.47 0.02 22.52
N THR B 216 -30.42 0.73 23.10
CA THR B 216 -31.83 0.41 23.03
C THR B 216 -32.53 1.41 22.13
N GLY B 217 -33.85 1.21 21.96
CA GLY B 217 -34.62 2.07 21.08
C GLY B 217 -34.57 3.54 21.44
N ASP B 218 -34.21 3.87 22.69
CA ASP B 218 -34.14 5.24 23.16
C ASP B 218 -32.81 5.93 22.85
N ILE B 219 -31.77 5.19 22.46
CA ILE B 219 -30.51 5.79 22.03
C ILE B 219 -30.14 5.43 20.59
N LEU B 220 -30.89 4.55 19.92
CA LEU B 220 -30.71 4.25 18.49
C LEU B 220 -32.11 4.24 17.87
N ALA B 221 -32.51 5.37 17.27
CA ALA B 221 -33.89 5.67 16.91
C ALA B 221 -34.29 5.01 15.59
N ILE B 222 -34.35 3.69 15.62
CA ILE B 222 -34.82 2.91 14.48
C ILE B 222 -36.22 3.35 14.06
N ASP B 223 -37.02 3.84 15.00
CA ASP B 223 -38.38 4.29 14.67
C ASP B 223 -38.37 5.51 13.76
N ARG B 224 -37.40 6.43 13.93
CA ARG B 224 -37.34 7.60 13.07
C ARG B 224 -36.97 7.22 11.64
N ILE B 225 -36.12 6.20 11.47
CA ILE B 225 -35.85 5.64 10.15
C ILE B 225 -37.15 5.21 9.48
N LYS B 226 -37.95 4.40 10.18
CA LYS B 226 -39.23 3.98 9.64
C LYS B 226 -40.06 5.20 9.20
N GLU B 227 -40.16 6.21 10.07
CA GLU B 227 -40.94 7.40 9.74
C GLU B 227 -40.35 8.12 8.53
N ILE B 228 -39.03 8.30 8.49
CA ILE B 228 -38.42 8.99 7.35
C ILE B 228 -38.60 8.19 6.07
N HIS B 229 -38.37 6.87 6.13
CA HIS B 229 -38.58 6.01 4.96
C HIS B 229 -40.04 6.08 4.47
N ALA B 230 -41.00 5.99 5.40
CA ALA B 230 -42.40 6.03 5.01
C ALA B 230 -42.77 7.36 4.36
N ALA B 231 -42.07 8.44 4.73
CA ALA B 231 -42.31 9.73 4.10
C ALA B 231 -41.62 9.87 2.75
N LEU B 232 -40.46 9.25 2.58
CA LEU B 232 -39.71 9.32 1.33
C LEU B 232 -39.41 7.91 0.82
N PRO B 233 -40.44 7.16 0.43
CA PRO B 233 -40.22 5.77 0.05
C PRO B 233 -39.44 5.61 -1.25
N ASN B 234 -38.79 6.67 -1.72
CA ASN B 234 -37.98 6.55 -2.94
C ASN B 234 -36.57 7.10 -2.79
N THR B 235 -36.15 7.51 -1.59
CA THR B 235 -34.81 8.06 -1.38
C THR B 235 -33.91 7.08 -0.62
N HIS B 236 -32.66 6.99 -1.05
CA HIS B 236 -31.71 6.08 -0.40
C HIS B 236 -31.17 6.73 0.87
N LEU B 237 -31.36 6.08 2.00
CA LEU B 237 -30.90 6.61 3.27
C LEU B 237 -29.54 6.02 3.62
N VAL B 238 -28.70 6.85 4.24
CA VAL B 238 -27.34 6.49 4.60
C VAL B 238 -27.18 6.61 6.11
N MET B 239 -26.43 5.70 6.70
CA MET B 239 -26.13 5.70 8.12
C MET B 239 -24.63 5.82 8.34
N HIS B 240 -24.20 6.91 8.98
CA HIS B 240 -22.83 7.06 9.40
C HIS B 240 -22.60 6.37 10.74
N GLY B 241 -21.32 6.18 11.08
CA GLY B 241 -20.96 5.67 12.40
C GLY B 241 -21.59 4.35 12.80
N SER B 242 -21.68 3.40 11.87
CA SER B 242 -22.48 2.19 12.07
C SER B 242 -21.63 0.97 12.37
N SER B 243 -20.39 1.15 12.81
CA SER B 243 -19.62 0.01 13.27
C SER B 243 -20.33 -0.64 14.45
N SER B 244 -20.38 -1.97 14.45
CA SER B 244 -20.92 -2.72 15.57
C SER B 244 -19.98 -2.79 16.77
N VAL B 245 -18.69 -2.58 16.55
CA VAL B 245 -17.69 -2.71 17.61
C VAL B 245 -17.75 -4.11 18.21
N PRO B 246 -17.17 -5.12 17.54
CA PRO B 246 -17.29 -6.50 18.04
C PRO B 246 -16.57 -6.68 19.36
N GLN B 247 -17.27 -7.25 20.35
CA GLN B 247 -16.71 -7.35 21.69
C GLN B 247 -15.49 -8.26 21.75
N GLU B 248 -15.47 -9.36 20.98
CA GLU B 248 -14.32 -10.25 21.05
C GLU B 248 -13.04 -9.57 20.58
N TRP B 249 -13.14 -8.66 19.60
CA TRP B 249 -11.97 -7.89 19.21
C TRP B 249 -11.56 -6.90 20.28
N LEU B 250 -12.55 -6.34 20.99
CA LEU B 250 -12.22 -5.49 22.14
C LEU B 250 -11.50 -6.28 23.21
N LYS B 251 -11.94 -7.52 23.46
CA LYS B 251 -11.27 -8.38 24.42
C LYS B 251 -9.86 -8.75 23.94
N VAL B 252 -9.74 -9.16 22.67
CA VAL B 252 -8.44 -9.51 22.12
C VAL B 252 -7.45 -8.36 22.28
N ILE B 253 -7.90 -7.13 21.99
CA ILE B 253 -7.02 -5.98 22.16
C ILE B 253 -6.62 -5.83 23.63
N ASN B 254 -7.60 -5.95 24.53
CA ASN B 254 -7.32 -5.73 25.95
C ASN B 254 -6.31 -6.74 26.48
N GLU B 255 -6.38 -7.99 26.01
CA GLU B 255 -5.46 -9.01 26.51
C GLU B 255 -4.03 -8.74 26.05
N PHE B 256 -3.86 -8.23 24.84
CA PHE B 256 -2.52 -8.12 24.29
C PHE B 256 -2.01 -6.68 24.26
N GLY B 257 -2.11 -6.00 25.42
CA GLY B 257 -1.47 -4.72 25.63
C GLY B 257 -2.37 -3.53 25.40
N GLY B 258 -3.54 -3.72 24.80
CA GLY B 258 -4.47 -2.64 24.55
C GLY B 258 -5.39 -2.42 25.73
N ASN B 259 -5.98 -1.22 25.78
CA ASN B 259 -6.85 -0.89 26.89
C ASN B 259 -8.03 -0.06 26.37
N ILE B 260 -9.16 -0.71 26.09
CA ILE B 260 -10.37 -0.04 25.61
C ILE B 260 -11.48 -0.27 26.62
N GLY B 261 -11.96 0.81 27.22
CA GLY B 261 -13.00 0.73 28.23
C GLY B 261 -14.30 0.13 27.74
N GLU B 262 -15.29 0.04 28.62
CA GLU B 262 -16.57 -0.53 28.22
C GLU B 262 -17.25 0.44 27.26
N THR B 263 -17.36 0.03 26.00
CA THR B 263 -18.08 0.78 24.97
C THR B 263 -18.73 -0.23 24.05
N TYR B 264 -19.68 0.24 23.27
CA TYR B 264 -20.54 -0.65 22.48
C TYR B 264 -20.86 0.04 21.17
N GLY B 265 -21.18 -0.77 20.15
CA GLY B 265 -21.58 -0.28 18.87
C GLY B 265 -23.04 -0.56 18.55
N VAL B 266 -23.37 -0.52 17.28
CA VAL B 266 -24.73 -0.78 16.80
C VAL B 266 -24.82 -2.26 16.43
N PRO B 267 -25.65 -3.06 17.10
CA PRO B 267 -25.70 -4.49 16.79
C PRO B 267 -26.12 -4.71 15.35
N VAL B 268 -25.56 -5.77 14.75
CA VAL B 268 -25.89 -6.10 13.37
C VAL B 268 -27.38 -6.34 13.22
N GLU B 269 -28.03 -6.87 14.27
CA GLU B 269 -29.46 -7.19 14.20
C GLU B 269 -30.29 -5.94 13.90
N GLN B 270 -29.95 -4.82 14.53
CA GLN B 270 -30.69 -3.58 14.29
C GLN B 270 -30.39 -3.02 12.91
N LEU B 271 -29.15 -3.12 12.45
CA LEU B 271 -28.83 -2.63 11.10
C LEU B 271 -29.58 -3.42 10.03
N VAL B 272 -29.85 -4.70 10.28
CA VAL B 272 -30.62 -5.50 9.34
C VAL B 272 -32.05 -4.98 9.26
N GLU B 273 -32.66 -4.65 10.40
CA GLU B 273 -34.00 -4.07 10.39
C GLU B 273 -34.02 -2.75 9.62
N ALA B 274 -32.98 -1.93 9.80
CA ALA B 274 -32.94 -0.63 9.13
C ALA B 274 -32.88 -0.77 7.61
N ILE B 275 -32.24 -1.83 7.11
CA ILE B 275 -32.20 -2.06 5.67
C ILE B 275 -33.59 -2.45 5.16
N LYS B 276 -34.34 -3.22 5.96
CA LYS B 276 -35.71 -3.53 5.58
C LYS B 276 -36.55 -2.26 5.46
N HIS B 277 -36.11 -1.14 6.04
CA HIS B 277 -36.80 0.15 5.98
C HIS B 277 -35.97 1.21 5.27
N GLY B 278 -35.33 0.87 4.15
CA GLY B 278 -34.81 1.86 3.23
C GLY B 278 -33.38 2.31 3.42
N VAL B 279 -32.65 1.74 4.38
CA VAL B 279 -31.23 2.03 4.52
C VAL B 279 -30.46 1.21 3.49
N ARG B 280 -29.73 1.89 2.61
CA ARG B 280 -28.98 1.23 1.57
C ARG B 280 -27.46 1.35 1.69
N LYS B 281 -26.96 2.36 2.42
CA LYS B 281 -25.53 2.58 2.59
C LYS B 281 -25.22 2.70 4.07
N ILE B 282 -24.27 1.89 4.53
CA ILE B 282 -23.95 1.76 5.96
C ILE B 282 -22.44 1.93 6.13
N ASN B 283 -22.00 3.07 6.66
CA ASN B 283 -20.58 3.38 6.78
C ASN B 283 -19.99 2.64 7.97
N ILE B 284 -19.00 1.80 7.73
CA ILE B 284 -18.34 1.02 8.77
C ILE B 284 -16.85 1.27 8.67
N ASP B 285 -16.24 1.74 9.75
CA ASP B 285 -14.83 2.08 9.72
C ASP B 285 -14.12 1.66 10.99
N THR B 286 -14.73 1.94 12.15
CA THR B 286 -14.09 1.61 13.41
C THR B 286 -13.90 0.10 13.57
N ASP B 287 -14.85 -0.71 13.09
CA ASP B 287 -14.70 -2.16 13.18
C ASP B 287 -13.44 -2.65 12.48
N LEU B 288 -13.13 -2.11 11.29
CA LEU B 288 -11.92 -2.52 10.59
C LEU B 288 -10.67 -2.03 11.32
N ARG B 289 -10.73 -0.86 11.94
CA ARG B 289 -9.60 -0.40 12.74
C ARG B 289 -9.37 -1.33 13.93
N LEU B 290 -10.44 -1.73 14.60
CA LEU B 290 -10.31 -2.63 15.75
C LEU B 290 -9.79 -4.00 15.31
N ALA B 291 -10.30 -4.54 14.20
CA ALA B 291 -9.83 -5.84 13.74
C ALA B 291 -8.34 -5.79 13.39
N SER B 292 -7.89 -4.69 12.79
CA SER B 292 -6.48 -4.57 12.43
C SER B 292 -5.60 -4.47 13.67
N THR B 293 -5.92 -3.53 14.57
CA THR B 293 -5.15 -3.35 15.78
C THR B 293 -5.15 -4.61 16.65
N GLY B 294 -6.28 -5.34 16.67
CA GLY B 294 -6.30 -6.59 17.41
C GLY B 294 -5.39 -7.63 16.83
N ALA B 295 -5.38 -7.76 15.50
CA ALA B 295 -4.58 -8.79 14.85
C ALA B 295 -3.09 -8.56 15.06
N ILE B 296 -2.64 -7.31 14.94
CA ILE B 296 -1.21 -7.02 15.13
C ILE B 296 -0.81 -7.23 16.58
N ARG B 297 -1.63 -6.78 17.51
CA ARG B 297 -1.30 -6.92 18.93
C ARG B 297 -1.18 -8.38 19.31
N ARG B 298 -2.14 -9.19 18.88
CA ARG B 298 -2.07 -10.63 19.16
C ARG B 298 -0.85 -11.25 18.50
N PHE B 299 -0.57 -10.89 17.24
CA PHE B 299 0.54 -11.54 16.56
C PHE B 299 1.87 -11.10 17.15
N MET B 300 2.02 -9.81 17.46
CA MET B 300 3.30 -9.31 17.96
C MET B 300 3.64 -9.88 19.34
N ALA B 301 2.63 -10.29 20.10
CA ALA B 301 2.88 -10.94 21.39
C ALA B 301 3.10 -12.44 21.25
N GLU B 302 2.35 -13.08 20.33
CA GLU B 302 2.52 -14.51 20.08
C GLU B 302 3.84 -14.84 19.40
N ASN B 303 4.41 -13.90 18.64
CA ASN B 303 5.70 -14.10 17.97
C ASN B 303 6.55 -12.85 18.11
N PRO B 304 7.22 -12.68 19.25
CA PRO B 304 7.99 -11.45 19.49
C PRO B 304 9.32 -11.42 18.76
N ALA B 305 9.71 -12.51 18.10
CA ALA B 305 10.93 -12.51 17.31
C ALA B 305 10.69 -12.13 15.86
N GLU B 306 9.46 -12.23 15.37
CA GLU B 306 9.19 -11.81 14.00
C GLU B 306 9.28 -10.30 13.88
N PHE B 307 9.87 -9.83 12.79
CA PHE B 307 9.88 -8.40 12.52
C PHE B 307 9.51 -8.04 11.09
N ASP B 308 9.16 -9.03 10.27
CA ASP B 308 8.69 -8.79 8.91
C ASP B 308 7.26 -8.29 8.96
N PRO B 309 7.00 -7.02 8.62
CA PRO B 309 5.63 -6.51 8.68
C PRO B 309 4.64 -7.31 7.83
N ARG B 310 5.09 -7.86 6.70
CA ARG B 310 4.24 -8.70 5.87
C ARG B 310 3.60 -9.83 6.66
N LYS B 311 4.26 -10.31 7.70
CA LYS B 311 3.76 -11.45 8.46
C LYS B 311 2.51 -11.07 9.24
N TYR B 312 2.48 -9.88 9.85
CA TYR B 312 1.29 -9.47 10.60
C TYR B 312 0.34 -8.65 9.74
N PHE B 313 0.85 -8.05 8.66
CA PHE B 313 -0.05 -7.47 7.69
C PHE B 313 -0.97 -8.53 7.09
N ALA B 314 -0.46 -9.74 6.86
CA ALA B 314 -1.34 -10.80 6.38
C ALA B 314 -2.43 -11.08 7.40
N LYS B 315 -2.08 -11.05 8.68
CA LYS B 315 -3.06 -11.14 9.77
C LYS B 315 -3.57 -9.74 10.10
N THR B 316 -4.24 -9.12 9.13
CA THR B 316 -5.05 -7.91 9.25
C THR B 316 -5.93 -8.00 8.03
N VAL B 317 -5.35 -8.48 6.94
CA VAL B 317 -6.13 -8.83 5.77
C VAL B 317 -7.14 -9.93 6.15
N ASP B 318 -6.66 -10.96 6.83
CA ASP B 318 -7.53 -12.07 7.22
C ASP B 318 -8.64 -11.58 8.14
N SER B 319 -8.29 -10.77 9.14
CA SER B 319 -9.30 -10.39 10.13
C SER B 319 -10.23 -9.31 9.59
N MET B 320 -9.72 -8.35 8.83
CA MET B 320 -10.59 -7.37 8.18
C MET B 320 -11.51 -8.03 7.17
N LYS B 321 -10.98 -8.97 6.38
CA LYS B 321 -11.76 -9.66 5.37
C LYS B 321 -12.97 -10.36 5.98
N GLN B 322 -12.79 -10.95 7.15
CA GLN B 322 -13.90 -11.65 7.80
C GLN B 322 -14.99 -10.67 8.22
N ILE B 323 -14.63 -9.49 8.69
CA ILE B 323 -15.65 -8.51 9.05
C ILE B 323 -16.44 -8.10 7.83
N CYS B 324 -15.76 -7.85 6.71
CA CYS B 324 -16.45 -7.45 5.49
C CYS B 324 -17.35 -8.56 4.99
N ILE B 325 -16.89 -9.82 5.06
CA ILE B 325 -17.74 -10.95 4.70
C ILE B 325 -18.97 -11.00 5.59
N ASP B 326 -18.78 -10.81 6.91
CA ASP B 326 -19.90 -10.87 7.86
C ASP B 326 -20.97 -9.84 7.50
N ARG B 327 -20.56 -8.67 7.00
CA ARG B 327 -21.51 -7.62 6.66
C ARG B 327 -22.19 -7.87 5.31
N TYR B 328 -21.40 -8.17 4.26
CA TYR B 328 -21.96 -8.46 2.94
C TYR B 328 -23.07 -9.51 3.02
N GLU B 329 -22.87 -10.54 3.85
CA GLU B 329 -23.84 -11.62 3.97
C GLU B 329 -25.04 -11.22 4.82
N ALA B 330 -24.79 -10.65 5.99
CA ALA B 330 -25.88 -10.21 6.86
C ALA B 330 -26.68 -9.07 6.24
N PHE B 331 -26.10 -8.31 5.31
CA PHE B 331 -26.79 -7.19 4.71
C PHE B 331 -27.42 -7.55 3.37
N GLY B 332 -27.33 -8.81 2.95
CA GLY B 332 -27.87 -9.21 1.66
C GLY B 332 -27.07 -8.73 0.47
N THR B 333 -25.92 -8.10 0.69
CA THR B 333 -25.11 -7.66 -0.44
C THR B 333 -24.59 -8.86 -1.23
N ALA B 334 -24.41 -10.00 -0.56
CA ALA B 334 -23.81 -11.17 -1.20
C ALA B 334 -24.66 -11.67 -2.36
N GLY B 335 -23.99 -12.12 -3.42
CA GLY B 335 -24.64 -12.70 -4.58
C GLY B 335 -25.11 -11.72 -5.63
N ASN B 336 -24.84 -10.42 -5.46
CA ASN B 336 -25.37 -9.41 -6.36
C ASN B 336 -24.37 -8.85 -7.35
N ALA B 337 -23.07 -9.16 -7.20
CA ALA B 337 -22.06 -8.56 -8.07
C ALA B 337 -22.32 -8.91 -9.52
N ASP B 338 -22.62 -10.18 -9.81
CA ASP B 338 -22.83 -10.56 -11.21
C ASP B 338 -24.28 -10.39 -11.70
N LYS B 339 -25.17 -9.81 -10.89
CA LYS B 339 -26.51 -9.42 -11.33
C LYS B 339 -26.59 -7.99 -11.88
N ILE B 340 -25.48 -7.27 -11.88
CA ILE B 340 -25.45 -5.84 -12.15
C ILE B 340 -24.85 -5.61 -13.53
N ARG B 341 -25.62 -5.03 -14.45
CA ARG B 341 -25.09 -4.65 -15.75
C ARG B 341 -24.65 -3.19 -15.69
N PRO B 342 -23.36 -2.89 -15.64
CA PRO B 342 -22.91 -1.52 -15.39
C PRO B 342 -23.38 -0.53 -16.43
N ILE B 343 -23.67 0.67 -15.94
CA ILE B 343 -23.97 1.83 -16.77
C ILE B 343 -22.86 2.83 -16.55
N SER B 344 -22.25 3.29 -17.64
CA SER B 344 -21.14 4.23 -17.56
C SER B 344 -21.57 5.54 -16.93
N LEU B 345 -20.61 6.25 -16.36
CA LEU B 345 -20.90 7.58 -15.82
C LEU B 345 -21.34 8.52 -16.94
N GLU B 346 -20.90 8.25 -18.18
CA GLU B 346 -21.30 9.02 -19.33
C GLU B 346 -22.80 8.88 -19.57
N LYS B 347 -23.30 7.64 -19.59
CA LYS B 347 -24.72 7.41 -19.74
C LYS B 347 -25.51 7.84 -18.50
N MET B 348 -24.87 7.93 -17.33
CA MET B 348 -25.57 8.42 -16.15
C MET B 348 -25.92 9.90 -16.25
N VAL B 349 -25.28 10.64 -17.15
CA VAL B 349 -25.68 12.04 -17.38
C VAL B 349 -27.13 12.11 -17.88
N ASP B 350 -27.52 11.16 -18.74
CA ASP B 350 -28.88 11.11 -19.25
C ASP B 350 -29.91 10.82 -18.18
N ARG B 351 -29.49 10.28 -17.04
CA ARG B 351 -30.40 10.07 -15.93
C ARG B 351 -30.74 11.37 -15.19
N TYR B 352 -29.89 12.40 -15.30
CA TYR B 352 -30.13 13.67 -14.60
C TYR B 352 -30.59 14.82 -15.52
N LYS B 353 -30.04 14.94 -16.72
CA LYS B 353 -30.44 15.94 -17.69
C LYS B 353 -31.14 15.26 -18.83
C1 CIT C . 16.79 -9.15 3.61
O1 CIT C . 15.86 -9.98 3.52
O2 CIT C . 17.37 -9.03 4.71
C2 CIT C . 17.17 -8.34 2.38
C3 CIT C . 18.65 -8.01 2.32
O7 CIT C . 19.41 -9.25 2.37
C4 CIT C . 18.99 -7.26 1.04
C5 CIT C . 18.92 -8.18 -0.14
O3 CIT C . 19.96 -8.59 -0.70
O4 CIT C . 17.81 -8.56 -0.60
C6 CIT C . 18.96 -7.11 3.51
O5 CIT C . 20.05 -7.23 4.15
O6 CIT C . 18.12 -6.26 3.88
NA NA D . 19.02 -10.06 -2.62
C FMT E . -17.67 4.41 11.96
O1 FMT E . -16.76 5.08 12.47
O2 FMT E . -17.94 3.26 12.27
#